data_8HDH
#
_entry.id   8HDH
#
_cell.length_a   1.00
_cell.length_b   1.00
_cell.length_c   1.00
_cell.angle_alpha   90.00
_cell.angle_beta   90.00
_cell.angle_gamma   90.00
#
_symmetry.space_group_name_H-M   'P 1'
#
loop_
_entity.id
_entity.type
_entity.pdbx_description
1 polymer 'Sodium/glucose cotransporter 2'
2 polymer 'PDZK1-interacting protein 1'
3 non-polymer 2-acetamido-2-deoxy-beta-D-glucopyranose
4 non-polymer (2~{S},3~{R},4~{R},5~{S},6~{R})-2-[3-[[5-(4-fluorophenyl)thiophen-2-yl]methyl]-4-methyl-phenyl]-6-(hydroxymethyl)oxane-3,4,5-triol
5 non-polymer 'SODIUM ION'
6 water water
#
loop_
_entity_poly.entity_id
_entity_poly.type
_entity_poly.pdbx_seq_one_letter_code
_entity_poly.pdbx_strand_id
1 'polypeptide(L)'
;GPGSMEEHTEAGSAPEMGAQKALIDNPADILVIAAYFLLVIGVGLWSMCRTNRGTVGGYFLAGRSMVWWPVGASLFASNI
GSGHFVGLAGTGAASGLAVAGFEWNALFVVLLLGWLFAPVYLTAGVITMPQYLRKRFGGRRIRLYLSVLSLFLYIFTKIS
VDMFSGAVFIQQALGWNIYASVIALLGITMIYTVTGGLAALMYTDTVQTFVILGGACILMGYAFHEVGGYSGLFDKYLGA
ATSLTVSEDPAVGNISSFCYRPRPDSYHLLRHPVTGDLPWPALLLGLTIVSGWYWCSDQVIVQRCLAGKSLTHIKAGCIL
CGYLKLTPMFLMVMPGMISRILYPDEVACVVPEVCRRVCGTEVGCSNIAYPRLVVKLMPNGLRGLMLAVMLAALMSSLAS
IFNSSSTLFTMDIYTRLRPRAGDRELLLVGRLWVVFIVVVSVAWLPVVQAAQGGQLFDYIQAVSSYLAPPVSAVFVLALF
VPRVNEQGAFWGLIGGLLMGLARLIPEFSFGSGSCVQPSACPAFLCGVHYLYFAIVLFFCSGLLTLTVSLCTAPIPRKHL
HRLVFSLRHSKEEREDLDADEQQGSSLPVQNGCPESAMEMNEPQAPAPSLFRQCLLWFCGMSRGGVGSPPPLTQEEAAAA
ARRLEDISEDPSWARVVNLNALLMMAVAVFLWGFYA
;
A
2 'polypeptide(L)'
;MSALSLLILGLLTAVPPASCQQGLGNLQPWMQGLIAVAVFLVLVAIAFAVNHFWCQEEPEPAHMILTVGNKADGVLVGTD
GRYSSMAASFRSSEHENAYENVPEEEGKVRSTPM
;
B
#
loop_
_chem_comp.id
_chem_comp.type
_chem_comp.name
_chem_comp.formula
L3R non-polymer (2~{S},3~{R},4~{R},5~{S},6~{R})-2-[3-[[5-(4-fluorophenyl)thiophen-2-yl]methyl]-4-methyl-phenyl]-6-(hydroxymethyl)oxane-3,4,5-triol 'C24 H25 F O5 S'
NA non-polymer 'SODIUM ION' 'Na 1'
NAG D-saccharide, beta linking 2-acetamido-2-deoxy-beta-D-glucopyranose 'C8 H15 N O6'
#
# COMPACT_ATOMS: atom_id res chain seq x y z
N ASP A 25 21.77 -23.51 2.24
CA ASP A 25 22.99 -24.42 2.09
C ASP A 25 22.61 -25.92 2.17
N ASN A 26 21.57 -26.29 2.92
CA ASN A 26 20.94 -27.65 2.87
C ASN A 26 20.27 -27.79 1.50
N PRO A 27 20.47 -28.89 0.73
CA PRO A 27 19.94 -29.02 -0.65
C PRO A 27 18.45 -28.71 -0.88
N ALA A 28 17.60 -29.02 0.09
CA ALA A 28 16.12 -28.81 0.05
C ALA A 28 15.78 -27.31 -0.15
N ASP A 29 16.55 -26.39 0.42
CA ASP A 29 16.33 -24.94 0.24
C ASP A 29 16.59 -24.52 -1.21
N ILE A 30 17.65 -25.04 -1.80
CA ILE A 30 18.03 -24.77 -3.22
C ILE A 30 16.95 -25.36 -4.14
N LEU A 31 16.46 -26.58 -3.88
CA LEU A 31 15.37 -27.18 -4.71
C LEU A 31 14.06 -26.38 -4.59
N VAL A 32 13.69 -25.89 -3.40
CA VAL A 32 12.51 -24.98 -3.25
C VAL A 32 12.71 -23.64 -4.00
N ILE A 33 13.88 -23.04 -3.91
CA ILE A 33 14.15 -21.76 -4.64
C ILE A 33 14.08 -22.06 -6.15
N ALA A 34 14.66 -23.18 -6.62
CA ALA A 34 14.68 -23.59 -8.05
C ALA A 34 13.26 -23.86 -8.55
N ALA A 35 12.47 -24.58 -7.77
CA ALA A 35 11.04 -24.82 -8.05
C ALA A 35 10.27 -23.49 -8.19
N TYR A 36 10.55 -22.51 -7.33
CA TYR A 36 9.75 -21.26 -7.33
C TYR A 36 10.14 -20.47 -8.56
N PHE A 37 11.44 -20.42 -8.86
CA PHE A 37 11.98 -19.70 -10.06
C PHE A 37 11.43 -20.33 -11.34
N LEU A 38 11.41 -21.66 -11.43
CA LEU A 38 10.85 -22.38 -12.59
C LEU A 38 9.36 -22.08 -12.74
N LEU A 39 8.60 -21.97 -11.66
CA LEU A 39 7.18 -21.55 -11.80
C LEU A 39 7.10 -20.15 -12.41
N VAL A 40 7.93 -19.22 -11.94
CA VAL A 40 7.81 -17.78 -12.30
C VAL A 40 8.24 -17.64 -13.77
N ILE A 41 9.37 -18.24 -14.17
CA ILE A 41 9.83 -18.32 -15.60
C ILE A 41 8.73 -18.95 -16.46
N GLY A 42 8.18 -20.09 -16.03
CA GLY A 42 7.16 -20.87 -16.78
C GLY A 42 5.91 -20.06 -17.08
N VAL A 43 5.37 -19.36 -16.08
CA VAL A 43 4.15 -18.51 -16.24
C VAL A 43 4.46 -17.23 -17.03
N GLY A 44 5.64 -16.66 -16.87
CA GLY A 44 6.12 -15.57 -17.75
C GLY A 44 6.11 -15.96 -19.22
N LEU A 45 6.75 -17.07 -19.54
CA LEU A 45 6.83 -17.57 -20.95
C LEU A 45 5.44 -17.92 -21.50
N TRP A 46 4.56 -18.49 -20.69
CA TRP A 46 3.17 -18.80 -21.13
C TRP A 46 2.41 -17.52 -21.41
N SER A 47 2.55 -16.49 -20.59
CA SER A 47 1.87 -15.17 -20.77
C SER A 47 2.35 -14.46 -22.04
N MET A 48 3.65 -14.50 -22.31
CA MET A 48 4.23 -13.89 -23.53
C MET A 48 3.79 -14.64 -24.78
N CYS A 49 3.71 -15.97 -24.74
CA CYS A 49 3.12 -16.80 -25.84
C CYS A 49 1.65 -16.44 -26.09
N ARG A 50 0.89 -16.12 -25.03
CA ARG A 50 -0.59 -15.92 -25.08
C ARG A 50 -0.87 -14.52 -25.61
N THR A 51 -0.39 -13.48 -24.93
CA THR A 51 -0.79 -12.06 -25.13
C THR A 51 0.03 -11.38 -26.24
N ASN A 52 -0.42 -10.22 -26.71
CA ASN A 52 0.27 -9.33 -27.69
C ASN A 52 0.99 -8.23 -26.90
N ARG A 53 2.32 -8.08 -27.06
CA ARG A 53 3.16 -7.03 -26.42
C ARG A 53 3.74 -6.06 -27.45
N GLY A 54 3.26 -6.08 -28.70
CA GLY A 54 3.78 -5.22 -29.79
C GLY A 54 3.23 -3.81 -29.74
N THR A 55 2.08 -3.62 -29.07
CA THR A 55 1.31 -2.35 -29.03
C THR A 55 1.26 -1.83 -27.59
N VAL A 56 0.90 -0.55 -27.48
CA VAL A 56 0.82 0.22 -26.20
C VAL A 56 -0.27 -0.40 -25.35
N GLY A 57 -1.43 -0.67 -25.94
CA GLY A 57 -2.55 -1.37 -25.28
C GLY A 57 -2.10 -2.64 -24.58
N GLY A 58 -1.34 -3.46 -25.29
CA GLY A 58 -0.98 -4.82 -24.85
C GLY A 58 0.03 -4.76 -23.73
N TYR A 59 1.16 -4.14 -24.02
CA TYR A 59 2.32 -4.06 -23.08
C TYR A 59 1.98 -3.26 -21.81
N PHE A 60 1.20 -2.19 -21.91
CA PHE A 60 0.94 -1.29 -20.75
C PHE A 60 -0.38 -1.64 -20.08
N LEU A 61 -1.35 -2.20 -20.79
CA LEU A 61 -2.69 -2.44 -20.23
C LEU A 61 -3.15 -3.90 -20.40
N ALA A 62 -2.21 -4.83 -20.64
CA ALA A 62 -2.52 -6.27 -20.66
C ALA A 62 -3.62 -6.60 -21.70
N GLY A 63 -3.77 -5.79 -22.75
CA GLY A 63 -4.83 -5.97 -23.75
C GLY A 63 -6.23 -5.61 -23.29
N ARG A 64 -6.40 -5.14 -22.05
CA ARG A 64 -7.78 -4.93 -21.54
C ARG A 64 -8.44 -6.30 -21.68
N SER A 65 -7.82 -7.31 -21.08
CA SER A 65 -8.23 -8.72 -21.26
C SER A 65 -8.20 -9.54 -19.96
N MET A 66 -7.91 -8.95 -18.80
CA MET A 66 -7.67 -9.69 -17.55
C MET A 66 -9.01 -9.94 -16.87
N VAL A 67 -9.41 -11.21 -16.73
CA VAL A 67 -10.54 -11.65 -15.82
C VAL A 67 -10.18 -11.51 -14.31
N TRP A 68 -11.13 -11.81 -13.45
CA TRP A 68 -11.25 -11.36 -12.03
C TRP A 68 -10.06 -11.90 -11.22
N TRP A 69 -9.70 -13.16 -11.36
CA TRP A 69 -8.73 -13.81 -10.42
C TRP A 69 -7.29 -13.26 -10.60
N PRO A 70 -6.71 -13.03 -11.80
CA PRO A 70 -5.51 -12.21 -11.89
C PRO A 70 -5.66 -10.77 -11.39
N VAL A 71 -6.84 -10.16 -11.49
CA VAL A 71 -7.01 -8.74 -11.11
C VAL A 71 -6.89 -8.72 -9.57
N GLY A 72 -7.66 -9.55 -8.88
CA GLY A 72 -7.57 -9.74 -7.41
C GLY A 72 -6.17 -10.12 -6.95
N ALA A 73 -5.59 -11.18 -7.50
CA ALA A 73 -4.21 -11.67 -7.17
C ALA A 73 -3.16 -10.56 -7.37
N SER A 74 -3.26 -9.76 -8.43
CA SER A 74 -2.27 -8.72 -8.79
C SER A 74 -2.47 -7.48 -7.89
N LEU A 75 -3.70 -7.08 -7.54
CA LEU A 75 -3.94 -5.93 -6.63
C LEU A 75 -3.26 -6.27 -5.32
N PHE A 76 -3.48 -7.50 -4.85
CA PHE A 76 -2.91 -8.00 -3.58
C PHE A 76 -1.36 -8.02 -3.63
N ALA A 77 -0.79 -8.69 -4.62
CA ALA A 77 0.66 -8.90 -4.83
C ALA A 77 1.35 -7.58 -5.08
N SER A 78 0.75 -6.66 -5.83
CA SER A 78 1.40 -5.34 -6.09
C SER A 78 1.48 -4.55 -4.79
N ASN A 79 0.51 -4.71 -3.88
CA ASN A 79 0.58 -4.06 -2.55
C ASN A 79 1.60 -4.78 -1.62
N ILE A 80 1.32 -6.00 -1.19
CA ILE A 80 2.08 -6.78 -0.17
C ILE A 80 3.54 -7.02 -0.55
N GLY A 81 4.45 -6.19 -0.04
CA GLY A 81 5.90 -6.29 -0.21
C GLY A 81 6.59 -6.95 0.96
N SER A 82 7.91 -6.93 0.91
CA SER A 82 8.86 -7.31 1.99
C SER A 82 8.65 -6.38 3.19
N GLY A 83 8.31 -5.13 2.94
CA GLY A 83 7.89 -4.14 3.93
C GLY A 83 6.79 -4.64 4.79
N HIS A 84 5.89 -5.48 4.28
CA HIS A 84 4.66 -5.86 5.02
C HIS A 84 5.10 -6.90 6.03
N PHE A 85 5.98 -7.81 5.67
CA PHE A 85 6.54 -8.81 6.60
C PHE A 85 7.49 -8.12 7.62
N VAL A 86 8.45 -7.33 7.17
CA VAL A 86 9.38 -6.64 8.11
C VAL A 86 8.63 -5.61 8.97
N GLY A 87 7.98 -4.65 8.36
CA GLY A 87 7.26 -3.60 9.07
C GLY A 87 6.09 -4.08 9.92
N LEU A 88 5.17 -4.90 9.42
CA LEU A 88 3.96 -5.25 10.22
C LEU A 88 4.34 -6.19 11.38
N ALA A 89 5.26 -7.12 11.17
CA ALA A 89 5.72 -8.00 12.27
C ALA A 89 6.52 -7.17 13.25
N GLY A 90 7.40 -6.31 12.76
CA GLY A 90 8.24 -5.50 13.65
C GLY A 90 7.39 -4.61 14.53
N THR A 91 6.46 -3.88 13.91
CA THR A 91 5.54 -2.95 14.62
C THR A 91 4.61 -3.77 15.50
N GLY A 92 4.25 -4.99 15.06
CA GLY A 92 3.54 -6.01 15.85
C GLY A 92 4.25 -6.28 17.17
N ALA A 93 5.54 -6.59 17.02
CA ALA A 93 6.47 -6.86 18.14
C ALA A 93 6.47 -5.64 19.06
N ALA A 94 6.59 -4.44 18.51
CA ALA A 94 6.88 -3.19 19.24
C ALA A 94 5.63 -2.68 19.96
N SER A 95 4.48 -2.67 19.27
CA SER A 95 3.26 -1.89 19.65
C SER A 95 1.96 -2.68 19.64
N GLY A 96 1.95 -3.99 19.46
CA GLY A 96 0.72 -4.81 19.53
C GLY A 96 -0.02 -4.82 18.22
N LEU A 97 -1.35 -4.94 18.20
CA LEU A 97 -2.07 -5.33 16.95
C LEU A 97 -2.79 -4.16 16.26
N ALA A 98 -2.54 -2.85 16.53
CA ALA A 98 -3.27 -1.73 15.85
C ALA A 98 -2.77 -1.46 14.41
N VAL A 99 -1.60 -1.94 14.07
CA VAL A 99 -0.94 -1.81 12.73
C VAL A 99 -1.74 -2.55 11.66
N ALA A 100 -2.49 -3.58 12.04
CA ALA A 100 -3.51 -4.22 11.18
C ALA A 100 -4.46 -3.15 10.60
N GLY A 101 -4.69 -2.06 11.35
CA GLY A 101 -5.41 -0.87 10.85
C GLY A 101 -5.03 -0.46 9.43
N PHE A 102 -3.74 -0.43 9.11
CA PHE A 102 -3.20 -0.06 7.77
C PHE A 102 -3.80 -1.03 6.73
N GLU A 103 -3.70 -2.33 6.99
CA GLU A 103 -4.21 -3.39 6.07
C GLU A 103 -5.73 -3.38 5.94
N TRP A 104 -6.39 -3.21 7.06
CA TRP A 104 -7.84 -3.47 7.18
C TRP A 104 -8.58 -2.26 6.63
N ASN A 105 -8.03 -1.04 6.78
CA ASN A 105 -8.56 0.20 6.13
C ASN A 105 -8.76 -0.05 4.63
N ALA A 106 -7.77 -0.71 4.02
CA ALA A 106 -7.78 -1.07 2.58
C ALA A 106 -9.09 -1.74 2.21
N LEU A 107 -9.58 -2.65 3.05
CA LEU A 107 -10.78 -3.46 2.75
C LEU A 107 -11.92 -2.55 2.31
N PHE A 108 -12.22 -1.52 3.09
CA PHE A 108 -13.33 -0.57 2.79
C PHE A 108 -12.99 0.15 1.50
N VAL A 109 -11.78 0.66 1.35
CA VAL A 109 -11.39 1.55 0.21
C VAL A 109 -11.41 0.79 -1.12
N VAL A 110 -11.13 -0.53 -1.17
CA VAL A 110 -11.17 -1.28 -2.46
C VAL A 110 -12.60 -1.30 -3.01
N LEU A 111 -13.59 -1.34 -2.13
CA LEU A 111 -14.99 -1.20 -2.58
C LEU A 111 -15.23 0.19 -3.25
N LEU A 112 -14.62 1.28 -2.81
CA LEU A 112 -14.76 2.59 -3.55
C LEU A 112 -14.07 2.54 -4.93
N LEU A 113 -12.99 1.79 -5.07
CA LEU A 113 -12.40 1.63 -6.40
C LEU A 113 -13.40 0.95 -7.37
N GLY A 114 -13.79 -0.29 -7.09
CA GLY A 114 -14.65 -1.10 -7.97
C GLY A 114 -15.99 -0.45 -8.31
N TRP A 115 -16.63 0.27 -7.38
CA TRP A 115 -18.02 0.78 -7.55
C TRP A 115 -18.13 2.28 -7.95
N LEU A 116 -17.16 3.14 -7.64
CA LEU A 116 -17.24 4.59 -7.92
C LEU A 116 -16.16 5.07 -8.89
N PHE A 117 -14.91 4.74 -8.63
CA PHE A 117 -13.76 5.24 -9.41
C PHE A 117 -13.60 4.41 -10.69
N ALA A 118 -13.56 3.08 -10.60
CA ALA A 118 -13.31 2.16 -11.74
C ALA A 118 -14.29 2.38 -12.89
N PRO A 119 -15.62 2.49 -12.67
CA PRO A 119 -16.54 2.84 -13.75
C PRO A 119 -16.17 4.11 -14.51
N VAL A 120 -15.83 5.21 -13.83
CA VAL A 120 -15.53 6.50 -14.52
C VAL A 120 -14.22 6.34 -15.31
N TYR A 121 -13.26 5.60 -14.78
CA TYR A 121 -11.95 5.43 -15.44
C TYR A 121 -12.09 4.55 -16.67
N LEU A 122 -12.98 3.56 -16.63
CA LEU A 122 -13.29 2.76 -17.85
C LEU A 122 -14.01 3.64 -18.89
N THR A 123 -14.95 4.48 -18.51
CA THR A 123 -15.74 5.23 -19.53
C THR A 123 -14.91 6.38 -20.10
N ALA A 124 -13.94 6.89 -19.35
CA ALA A 124 -13.06 7.97 -19.82
C ALA A 124 -12.11 7.40 -20.88
N GLY A 125 -11.86 6.07 -20.87
CA GLY A 125 -10.89 5.42 -21.77
C GLY A 125 -9.47 5.92 -21.61
N VAL A 126 -9.02 6.07 -20.36
CA VAL A 126 -7.67 6.60 -19.98
C VAL A 126 -6.69 5.44 -19.83
N ILE A 127 -5.41 5.65 -20.13
CA ILE A 127 -4.31 4.70 -19.77
C ILE A 127 -3.61 5.12 -18.44
N THR A 128 -3.61 6.40 -18.09
CA THR A 128 -2.99 6.91 -16.83
C THR A 128 -3.96 7.80 -16.06
N MET A 129 -3.70 8.00 -14.79
CA MET A 129 -4.57 8.79 -13.90
C MET A 129 -4.30 10.26 -14.14
N PRO A 130 -3.06 10.73 -14.38
CA PRO A 130 -2.86 12.09 -14.90
C PRO A 130 -3.61 12.42 -16.20
N GLN A 131 -3.75 11.46 -17.10
CA GLN A 131 -4.50 11.64 -18.34
C GLN A 131 -5.99 11.83 -18.00
N TYR A 132 -6.53 11.13 -17.00
CA TYR A 132 -7.92 11.38 -16.56
C TYR A 132 -8.12 12.87 -16.17
N LEU A 133 -7.20 13.43 -15.43
CA LEU A 133 -7.26 14.85 -14.99
C LEU A 133 -7.10 15.81 -16.18
N ARG A 134 -6.35 15.42 -17.20
CA ARG A 134 -6.18 16.19 -18.47
C ARG A 134 -7.54 16.23 -19.12
N LYS A 135 -8.24 15.09 -19.21
CA LYS A 135 -9.60 15.06 -19.83
C LYS A 135 -10.61 15.84 -18.97
N ARG A 136 -10.55 15.73 -17.64
CA ARG A 136 -11.56 16.31 -16.71
C ARG A 136 -11.43 17.83 -16.67
N PHE A 137 -10.22 18.39 -16.73
CA PHE A 137 -9.90 19.82 -16.42
C PHE A 137 -9.29 20.57 -17.61
N GLY A 138 -8.33 20.00 -18.32
CA GLY A 138 -8.06 20.40 -19.72
C GLY A 138 -6.84 21.28 -19.97
N GLY A 139 -6.14 21.76 -18.96
CA GLY A 139 -4.85 22.43 -19.23
C GLY A 139 -3.75 21.42 -19.57
N ARG A 140 -2.60 21.94 -19.96
CA ARG A 140 -1.34 21.14 -20.04
C ARG A 140 -0.83 20.72 -18.63
N ARG A 141 -1.11 21.49 -17.59
CA ARG A 141 -0.23 21.59 -16.39
C ARG A 141 -0.61 20.63 -15.24
N ILE A 142 -1.87 20.34 -15.02
CA ILE A 142 -2.32 19.42 -13.93
C ILE A 142 -1.74 18.04 -14.18
N ARG A 143 -1.71 17.59 -15.45
CA ARG A 143 -1.22 16.26 -15.89
C ARG A 143 0.26 16.19 -15.61
N LEU A 144 0.97 17.26 -15.95
CA LEU A 144 2.44 17.27 -15.71
C LEU A 144 2.74 17.24 -14.23
N TYR A 145 2.11 18.10 -13.45
CA TYR A 145 2.34 18.15 -12.00
C TYR A 145 2.11 16.78 -11.39
N LEU A 146 1.00 16.15 -11.68
CA LEU A 146 0.63 14.91 -10.98
C LEU A 146 1.58 13.76 -11.41
N SER A 147 1.98 13.67 -12.67
CA SER A 147 3.05 12.72 -13.15
C SER A 147 4.36 12.82 -12.34
N VAL A 148 4.92 14.01 -12.24
CA VAL A 148 6.21 14.30 -11.53
C VAL A 148 6.05 14.11 -10.02
N LEU A 149 4.98 14.54 -9.41
CA LEU A 149 4.72 14.24 -8.00
C LEU A 149 4.57 12.73 -7.80
N SER A 150 3.95 11.99 -8.70
CA SER A 150 3.75 10.52 -8.51
C SER A 150 5.11 9.81 -8.55
N LEU A 151 6.00 10.26 -9.44
CA LEU A 151 7.38 9.72 -9.55
C LEU A 151 8.14 9.93 -8.22
N PHE A 152 8.05 11.11 -7.62
CA PHE A 152 8.69 11.35 -6.30
C PHE A 152 8.06 10.54 -5.18
N LEU A 153 6.75 10.55 -5.04
CA LEU A 153 6.05 9.60 -4.12
C LEU A 153 6.50 8.12 -4.31
N TYR A 154 6.80 7.60 -5.50
CA TYR A 154 7.19 6.16 -5.67
C TYR A 154 8.62 5.91 -5.28
N ILE A 155 9.52 6.84 -5.55
CA ILE A 155 10.92 6.75 -5.05
C ILE A 155 10.87 6.79 -3.49
N PHE A 156 10.08 7.68 -2.86
CA PHE A 156 10.09 7.89 -1.39
C PHE A 156 9.30 6.85 -0.64
N THR A 157 8.11 6.51 -1.07
CA THR A 157 7.17 5.75 -0.21
C THR A 157 7.12 4.30 -0.64
N LYS A 158 7.66 3.87 -1.78
CA LYS A 158 7.28 2.53 -2.35
C LYS A 158 8.52 1.71 -2.69
N ILE A 159 9.47 2.32 -3.37
CA ILE A 159 10.77 1.67 -3.65
C ILE A 159 11.54 1.56 -2.34
N SER A 160 11.62 2.65 -1.57
CA SER A 160 12.47 2.77 -0.35
C SER A 160 12.06 1.66 0.64
N VAL A 161 10.77 1.52 0.96
CA VAL A 161 10.30 0.42 1.87
C VAL A 161 10.70 -0.99 1.34
N ASP A 162 10.68 -1.25 0.03
CA ASP A 162 10.94 -2.59 -0.54
C ASP A 162 12.44 -2.88 -0.50
N MET A 163 13.26 -1.89 -0.82
CA MET A 163 14.74 -2.04 -0.81
C MET A 163 15.22 -2.24 0.63
N PHE A 164 14.72 -1.40 1.52
CA PHE A 164 15.05 -1.41 2.96
C PHE A 164 14.69 -2.75 3.59
N SER A 165 13.45 -3.17 3.39
CA SER A 165 12.87 -4.38 4.04
C SER A 165 13.51 -5.64 3.47
N GLY A 166 13.73 -5.67 2.17
CA GLY A 166 14.63 -6.64 1.53
C GLY A 166 15.97 -6.80 2.25
N ALA A 167 16.65 -5.68 2.45
CA ALA A 167 17.99 -5.60 3.06
C ALA A 167 17.96 -6.12 4.52
N VAL A 168 16.94 -5.74 5.30
CA VAL A 168 16.76 -6.24 6.70
C VAL A 168 16.78 -7.76 6.65
N PHE A 169 15.90 -8.34 5.84
CA PHE A 169 15.65 -9.80 5.83
C PHE A 169 16.92 -10.53 5.33
N ILE A 170 17.67 -9.97 4.39
CA ILE A 170 18.91 -10.65 3.89
C ILE A 170 19.97 -10.61 4.98
N GLN A 171 20.12 -9.47 5.66
CA GLN A 171 21.16 -9.31 6.71
C GLN A 171 20.93 -10.28 7.86
N GLN A 172 19.67 -10.57 8.18
CA GLN A 172 19.25 -11.34 9.37
C GLN A 172 19.21 -12.82 9.03
N ALA A 173 18.47 -13.19 8.00
CA ALA A 173 18.26 -14.60 7.62
C ALA A 173 19.53 -15.17 6.97
N LEU A 174 20.12 -14.50 5.98
CA LEU A 174 21.20 -15.09 5.14
C LEU A 174 22.57 -14.62 5.64
N GLY A 175 22.74 -13.32 5.84
CA GLY A 175 24.03 -12.67 6.16
C GLY A 175 24.85 -12.27 4.95
N TRP A 176 24.28 -12.31 3.74
CA TRP A 176 24.96 -11.92 2.47
C TRP A 176 25.06 -10.41 2.40
N ASN A 177 25.87 -9.87 1.49
CA ASN A 177 26.18 -8.40 1.49
C ASN A 177 24.90 -7.65 1.03
N ILE A 178 24.41 -6.66 1.81
CA ILE A 178 23.06 -6.07 1.55
C ILE A 178 23.14 -4.99 0.49
N TYR A 179 24.31 -4.75 -0.11
CA TYR A 179 24.45 -3.88 -1.30
C TYR A 179 24.30 -4.80 -2.51
N ALA A 180 25.22 -5.75 -2.66
CA ALA A 180 25.31 -6.63 -3.85
C ALA A 180 24.01 -7.44 -4.02
N SER A 181 23.40 -7.88 -2.92
CA SER A 181 22.13 -8.66 -2.95
C SER A 181 20.97 -7.80 -3.48
N VAL A 182 20.88 -6.53 -3.05
CA VAL A 182 19.85 -5.57 -3.55
C VAL A 182 20.12 -5.30 -5.04
N ILE A 183 21.39 -5.15 -5.45
CA ILE A 183 21.71 -4.97 -6.90
C ILE A 183 21.19 -6.18 -7.67
N ALA A 184 21.48 -7.41 -7.23
CA ALA A 184 21.08 -8.67 -7.92
C ALA A 184 19.55 -8.79 -7.96
N LEU A 185 18.88 -8.42 -6.88
CA LEU A 185 17.39 -8.43 -6.83
C LEU A 185 16.80 -7.42 -7.82
N LEU A 186 17.34 -6.20 -7.85
CA LEU A 186 16.91 -5.07 -8.72
C LEU A 186 17.13 -5.46 -10.18
N GLY A 187 18.22 -6.20 -10.45
CA GLY A 187 18.65 -6.72 -11.75
C GLY A 187 17.67 -7.74 -12.25
N ILE A 188 17.33 -8.75 -11.46
CA ILE A 188 16.40 -9.84 -11.92
C ILE A 188 14.99 -9.24 -12.06
N THR A 189 14.58 -8.29 -11.18
CA THR A 189 13.20 -7.71 -11.20
C THR A 189 13.09 -6.79 -12.44
N MET A 190 14.17 -6.12 -12.83
CA MET A 190 14.27 -5.38 -14.13
C MET A 190 13.88 -6.28 -15.27
N ILE A 191 14.47 -7.47 -15.34
CA ILE A 191 14.34 -8.35 -16.52
C ILE A 191 12.93 -8.92 -16.55
N TYR A 192 12.48 -9.40 -15.41
CA TYR A 192 11.08 -9.83 -15.13
C TYR A 192 10.07 -8.77 -15.60
N THR A 193 10.35 -7.49 -15.40
CA THR A 193 9.47 -6.35 -15.73
C THR A 193 9.56 -6.06 -17.22
N VAL A 194 10.74 -5.80 -17.78
CA VAL A 194 10.88 -5.34 -19.20
C VAL A 194 10.50 -6.42 -20.20
N THR A 195 10.63 -7.69 -19.85
CA THR A 195 10.45 -8.83 -20.76
C THR A 195 8.98 -8.95 -21.13
N GLY A 196 8.09 -8.93 -20.15
CA GLY A 196 6.63 -9.01 -20.37
C GLY A 196 5.96 -7.70 -20.07
N GLY A 197 4.68 -7.63 -20.45
CA GLY A 197 3.83 -6.47 -20.20
C GLY A 197 2.83 -6.80 -19.10
N LEU A 198 2.08 -5.82 -18.64
CA LEU A 198 1.10 -6.02 -17.57
C LEU A 198 0.48 -7.42 -17.60
N ALA A 199 0.41 -8.13 -18.74
CA ALA A 199 -0.23 -9.47 -18.78
C ALA A 199 0.69 -10.48 -18.10
N ALA A 200 2.01 -10.34 -18.30
CA ALA A 200 3.00 -11.25 -17.68
C ALA A 200 2.95 -11.07 -16.17
N LEU A 201 2.97 -9.83 -15.70
CA LEU A 201 3.08 -9.58 -14.26
C LEU A 201 1.80 -10.02 -13.58
N MET A 202 0.62 -9.78 -14.11
CA MET A 202 -0.66 -10.23 -13.46
C MET A 202 -0.82 -11.78 -13.41
N TYR A 203 -0.43 -12.53 -14.43
CA TYR A 203 -0.48 -14.00 -14.34
C TYR A 203 0.61 -14.51 -13.37
N THR A 204 1.81 -13.95 -13.44
CA THR A 204 2.89 -14.27 -12.46
C THR A 204 2.47 -13.88 -11.04
N ASP A 205 1.68 -12.83 -10.86
CA ASP A 205 1.15 -12.41 -9.54
C ASP A 205 0.13 -13.43 -9.03
N THR A 206 -0.51 -14.25 -9.85
CA THR A 206 -1.36 -15.39 -9.34
C THR A 206 -0.47 -16.49 -8.77
N VAL A 207 0.67 -16.82 -9.36
CA VAL A 207 1.70 -17.73 -8.73
C VAL A 207 2.27 -17.11 -7.43
N GLN A 208 2.68 -15.84 -7.49
CA GLN A 208 3.34 -15.13 -6.36
C GLN A 208 2.35 -14.99 -5.22
N THR A 209 1.07 -14.71 -5.49
CA THR A 209 0.04 -14.59 -4.41
C THR A 209 -0.14 -15.96 -3.76
N PHE A 210 -0.18 -17.06 -4.53
CA PHE A 210 -0.26 -18.44 -3.95
C PHE A 210 0.91 -18.68 -2.97
N VAL A 211 2.15 -18.46 -3.42
CA VAL A 211 3.37 -18.76 -2.61
C VAL A 211 3.38 -17.85 -1.40
N ILE A 212 3.08 -16.56 -1.56
CA ILE A 212 3.11 -15.56 -0.45
C ILE A 212 2.15 -16.04 0.64
N LEU A 213 0.90 -16.28 0.33
CA LEU A 213 -0.11 -16.72 1.34
C LEU A 213 0.23 -18.13 1.89
N GLY A 214 0.63 -19.05 1.02
CA GLY A 214 0.95 -20.43 1.40
C GLY A 214 2.10 -20.54 2.40
N GLY A 215 3.24 -19.93 2.10
CA GLY A 215 4.39 -19.99 3.02
C GLY A 215 4.16 -19.13 4.26
N ALA A 216 3.49 -17.99 4.10
CA ALA A 216 3.13 -17.13 5.26
C ALA A 216 2.26 -17.93 6.23
N CYS A 217 1.33 -18.74 5.73
CA CYS A 217 0.45 -19.61 6.56
C CYS A 217 1.27 -20.70 7.27
N ILE A 218 2.25 -21.29 6.61
CA ILE A 218 3.10 -22.34 7.22
C ILE A 218 3.86 -21.71 8.39
N LEU A 219 4.49 -20.54 8.22
CA LEU A 219 5.22 -19.88 9.35
C LEU A 219 4.26 -19.47 10.45
N MET A 220 3.08 -18.95 10.12
CA MET A 220 2.05 -18.59 11.12
C MET A 220 1.79 -19.81 12.01
N GLY A 221 1.68 -20.98 11.38
CA GLY A 221 1.37 -22.23 12.08
C GLY A 221 2.47 -22.64 13.02
N TYR A 222 3.71 -22.61 12.55
CA TYR A 222 4.88 -22.96 13.39
C TYR A 222 4.95 -21.99 14.58
N ALA A 223 4.69 -20.70 14.35
CA ALA A 223 4.81 -19.64 15.38
C ALA A 223 3.76 -19.88 16.46
N PHE A 224 2.53 -20.07 16.05
CA PHE A 224 1.41 -20.27 16.99
C PHE A 224 1.59 -21.60 17.76
N HIS A 225 2.24 -22.60 17.17
CA HIS A 225 2.58 -23.84 17.92
C HIS A 225 3.58 -23.56 19.05
N GLU A 226 4.57 -22.69 18.81
CA GLU A 226 5.69 -22.42 19.77
C GLU A 226 5.16 -21.65 21.00
N VAL A 227 4.25 -20.65 20.85
CA VAL A 227 3.65 -19.91 22.02
C VAL A 227 2.55 -20.75 22.66
N GLY A 228 2.10 -21.83 22.04
CA GLY A 228 1.10 -22.74 22.59
C GLY A 228 -0.29 -22.29 22.20
N GLY A 229 -0.46 -21.81 20.97
CA GLY A 229 -1.76 -21.57 20.33
C GLY A 229 -2.13 -20.10 20.38
N TYR A 230 -3.37 -19.82 20.03
CA TYR A 230 -3.96 -18.47 20.06
C TYR A 230 -4.15 -18.06 21.51
N SER A 231 -4.52 -18.96 22.40
CA SER A 231 -4.64 -18.62 23.85
C SER A 231 -3.28 -18.13 24.33
N GLY A 232 -2.21 -18.83 23.94
CA GLY A 232 -0.81 -18.54 24.29
C GLY A 232 -0.35 -17.12 23.94
N LEU A 233 -0.76 -16.60 22.77
CA LEU A 233 -0.40 -15.24 22.28
C LEU A 233 -0.97 -14.22 23.25
N PHE A 234 -2.27 -14.36 23.56
CA PHE A 234 -3.05 -13.32 24.29
C PHE A 234 -2.86 -13.42 25.81
N ASP A 235 -2.19 -14.44 26.34
CA ASP A 235 -1.88 -14.48 27.80
C ASP A 235 -0.38 -14.26 28.07
N LYS A 236 0.48 -14.25 27.05
CA LYS A 236 1.94 -14.07 27.23
C LYS A 236 2.48 -12.72 26.76
N TYR A 237 1.79 -12.00 25.88
CA TYR A 237 2.37 -10.84 25.14
C TYR A 237 2.55 -9.63 26.10
N LEU A 238 1.55 -9.27 26.92
CA LEU A 238 1.64 -8.13 27.90
C LEU A 238 2.76 -8.31 28.97
N GLY A 239 3.11 -9.53 29.35
CA GLY A 239 4.28 -9.77 30.22
C GLY A 239 5.65 -9.65 29.53
N ALA A 240 5.72 -9.62 28.19
CA ALA A 240 6.93 -10.03 27.44
C ALA A 240 7.95 -8.89 27.35
N ALA A 241 8.59 -8.52 28.47
CA ALA A 241 9.61 -7.44 28.52
C ALA A 241 11.01 -8.01 28.66
N THR A 242 11.99 -7.29 28.12
CA THR A 242 13.44 -7.54 28.31
C THR A 242 13.84 -7.36 29.76
N SER A 243 14.88 -8.09 30.17
CA SER A 243 15.44 -8.10 31.53
C SER A 243 16.58 -7.08 31.66
N LEU A 244 17.04 -6.50 30.55
CA LEU A 244 18.19 -5.57 30.51
C LEU A 244 17.63 -4.16 30.25
N THR A 245 17.42 -3.39 31.33
CA THR A 245 16.80 -2.04 31.28
C THR A 245 17.78 -0.99 31.81
N VAL A 246 19.07 -1.30 31.98
CA VAL A 246 20.08 -0.39 32.61
C VAL A 246 21.25 -0.22 31.65
N SER A 247 21.54 1.02 31.28
CA SER A 247 22.63 1.39 30.35
C SER A 247 23.94 1.59 31.12
N GLU A 248 25.07 1.32 30.46
CA GLU A 248 26.44 1.68 30.93
C GLU A 248 26.70 3.18 30.73
N ASP A 249 25.96 3.85 29.83
CA ASP A 249 26.11 5.28 29.49
C ASP A 249 25.33 6.15 30.49
N PRO A 250 25.94 7.11 31.23
CA PRO A 250 25.18 8.15 31.92
C PRO A 250 24.44 9.10 30.95
N ALA A 251 23.33 9.70 31.41
CA ALA A 251 22.34 10.46 30.61
C ALA A 251 21.62 9.55 29.59
N VAL A 252 21.57 8.26 29.86
CA VAL A 252 20.53 7.29 29.41
C VAL A 252 19.98 6.62 30.67
N GLY A 253 20.87 6.00 31.46
CA GLY A 253 20.63 5.54 32.84
C GLY A 253 19.66 4.38 32.88
N ASN A 254 18.80 4.35 33.90
CA ASN A 254 17.64 3.43 33.95
C ASN A 254 16.66 3.87 32.86
N ILE A 255 16.40 2.98 31.91
CA ILE A 255 15.35 3.14 30.87
C ILE A 255 14.01 3.18 31.61
N SER A 256 13.11 4.10 31.22
CA SER A 256 11.77 4.30 31.84
C SER A 256 10.95 3.01 31.70
N SER A 257 10.14 2.69 32.71
CA SER A 257 9.18 1.55 32.67
C SER A 257 8.13 1.73 31.58
N PHE A 258 7.83 2.96 31.15
CA PHE A 258 6.93 3.23 30.01
C PHE A 258 7.45 2.59 28.72
N CYS A 259 8.78 2.51 28.49
CA CYS A 259 9.39 2.30 27.14
C CYS A 259 10.08 0.93 26.93
N TYR A 260 10.13 0.04 27.92
CA TYR A 260 10.47 -1.40 27.74
C TYR A 260 9.27 -2.31 27.97
N ARG A 261 8.30 -1.93 28.83
CA ARG A 261 7.04 -2.70 29.06
C ARG A 261 6.21 -2.69 27.78
N PRO A 262 5.55 -3.80 27.36
CA PRO A 262 4.54 -3.73 26.31
C PRO A 262 3.34 -2.88 26.69
N ARG A 263 2.74 -2.18 25.71
CA ARG A 263 1.69 -1.15 25.94
C ARG A 263 0.47 -1.84 26.53
N PRO A 264 -0.17 -1.34 27.60
CA PRO A 264 -1.42 -1.93 28.09
C PRO A 264 -2.62 -1.90 27.13
N ASP A 265 -2.62 -1.08 26.05
CA ASP A 265 -3.62 -1.19 24.94
C ASP A 265 -3.07 -1.96 23.74
N SER A 266 -2.11 -2.87 23.94
CA SER A 266 -1.53 -3.71 22.85
C SER A 266 -2.57 -4.60 22.13
N TYR A 267 -3.63 -5.08 22.79
CA TYR A 267 -4.60 -6.02 22.17
C TYR A 267 -5.79 -5.31 21.53
N HIS A 268 -5.78 -3.99 21.43
CA HIS A 268 -6.93 -3.18 20.96
C HIS A 268 -6.55 -2.43 19.69
N LEU A 269 -7.20 -2.70 18.54
CA LEU A 269 -7.17 -1.83 17.32
C LEU A 269 -7.51 -0.33 17.60
N LEU A 270 -8.58 -0.09 18.34
CA LEU A 270 -9.18 1.24 18.55
C LEU A 270 -8.62 1.81 19.86
N ARG A 271 -7.54 2.60 19.76
CA ARG A 271 -6.76 3.19 20.88
C ARG A 271 -7.12 4.66 21.10
N HIS A 272 -6.62 5.27 22.17
CA HIS A 272 -7.10 6.57 22.70
C HIS A 272 -6.89 7.72 21.71
N PRO A 273 -7.90 8.58 21.47
CA PRO A 273 -7.74 9.69 20.51
C PRO A 273 -6.69 10.77 20.80
N VAL A 274 -6.19 10.98 22.05
CA VAL A 274 -5.11 11.98 22.35
C VAL A 274 -3.79 11.29 22.74
N THR A 275 -3.81 10.15 23.43
CA THR A 275 -2.61 9.45 23.96
C THR A 275 -2.31 8.13 23.23
N GLY A 276 -3.18 7.62 22.33
CA GLY A 276 -2.90 6.44 21.49
C GLY A 276 -1.73 6.72 20.53
N ASP A 277 -0.89 5.71 20.27
CA ASP A 277 0.20 5.74 19.27
C ASP A 277 -0.37 5.81 17.84
N LEU A 278 -1.51 5.16 17.59
CA LEU A 278 -2.42 5.35 16.42
C LEU A 278 -3.80 5.66 16.99
N PRO A 279 -4.15 6.95 17.17
CA PRO A 279 -5.50 7.33 17.61
C PRO A 279 -6.61 6.79 16.70
N TRP A 280 -7.76 6.36 17.28
CA TRP A 280 -8.87 5.68 16.53
C TRP A 280 -9.48 6.63 15.48
N PRO A 281 -9.70 7.94 15.74
CA PRO A 281 -10.25 8.83 14.71
C PRO A 281 -9.29 9.09 13.54
N ALA A 282 -8.01 9.23 13.85
CA ALA A 282 -6.93 9.26 12.86
C ALA A 282 -6.90 7.92 12.10
N LEU A 283 -7.01 6.75 12.77
CA LEU A 283 -6.99 5.44 12.01
C LEU A 283 -8.10 5.50 10.95
N LEU A 284 -9.33 5.77 11.37
CA LEU A 284 -10.53 5.57 10.52
C LEU A 284 -10.59 6.68 9.45
N LEU A 285 -10.73 7.96 9.79
CA LEU A 285 -10.84 9.06 8.78
C LEU A 285 -9.51 9.26 8.02
N GLY A 286 -8.41 9.44 8.75
CA GLY A 286 -7.12 9.87 8.19
C GLY A 286 -6.52 8.81 7.27
N LEU A 287 -6.60 7.52 7.65
CA LEU A 287 -6.12 6.43 6.78
C LEU A 287 -7.08 6.30 5.61
N THR A 288 -8.38 6.53 5.79
CA THR A 288 -9.29 6.45 4.61
C THR A 288 -8.84 7.46 3.55
N ILE A 289 -8.50 8.68 3.94
CA ILE A 289 -8.00 9.70 2.97
C ILE A 289 -6.72 9.19 2.30
N VAL A 290 -5.73 8.72 3.04
CA VAL A 290 -4.41 8.32 2.46
C VAL A 290 -4.58 6.99 1.69
N SER A 291 -5.36 6.02 2.19
CA SER A 291 -5.79 4.83 1.42
C SER A 291 -6.58 5.21 0.16
N GLY A 292 -7.42 6.21 0.21
CA GLY A 292 -8.09 6.70 -1.01
C GLY A 292 -7.08 7.04 -2.11
N TRP A 293 -5.98 7.74 -1.81
CA TRP A 293 -4.96 8.08 -2.85
C TRP A 293 -4.33 6.77 -3.32
N TYR A 294 -3.88 5.96 -2.36
CA TYR A 294 -3.13 4.70 -2.58
C TYR A 294 -3.93 3.72 -3.48
N TRP A 295 -5.20 3.48 -3.17
CA TRP A 295 -6.05 2.48 -3.87
C TRP A 295 -6.92 3.08 -5.01
N CYS A 296 -7.44 4.30 -4.89
CA CYS A 296 -8.42 4.83 -5.88
C CYS A 296 -7.78 5.77 -6.91
N SER A 297 -6.71 6.49 -6.56
CA SER A 297 -6.18 7.63 -7.38
C SER A 297 -4.79 7.39 -7.97
N ASP A 298 -4.16 6.24 -7.71
CA ASP A 298 -2.71 6.08 -7.95
C ASP A 298 -2.48 5.00 -9.03
N GLN A 299 -1.55 5.28 -9.94
CA GLN A 299 -1.26 4.51 -11.16
C GLN A 299 -1.02 3.07 -10.79
N VAL A 300 -0.31 2.80 -9.71
CA VAL A 300 0.14 1.41 -9.43
C VAL A 300 -1.09 0.48 -9.25
N ILE A 301 -2.06 0.86 -8.42
CA ILE A 301 -3.25 0.00 -8.09
C ILE A 301 -4.24 0.07 -9.24
N VAL A 302 -4.58 1.26 -9.68
CA VAL A 302 -5.63 1.46 -10.73
C VAL A 302 -5.20 0.83 -12.10
N GLN A 303 -3.92 0.71 -12.47
CA GLN A 303 -3.56 -0.06 -13.70
C GLN A 303 -4.10 -1.50 -13.74
N ARG A 304 -4.28 -2.14 -12.60
CA ARG A 304 -4.82 -3.53 -12.53
C ARG A 304 -6.31 -3.50 -12.91
N CYS A 305 -6.99 -2.40 -12.59
CA CYS A 305 -8.42 -2.18 -12.93
C CYS A 305 -8.59 -1.65 -14.35
N LEU A 306 -7.58 -1.06 -14.95
CA LEU A 306 -7.69 -0.56 -16.33
C LEU A 306 -7.40 -1.70 -17.30
N ALA A 307 -6.91 -2.85 -16.83
CA ALA A 307 -6.64 -4.02 -17.68
C ALA A 307 -7.62 -5.15 -17.41
N GLY A 308 -8.79 -4.86 -16.84
CA GLY A 308 -9.89 -5.80 -16.61
C GLY A 308 -10.62 -6.17 -17.89
N LYS A 309 -11.31 -7.30 -17.91
CA LYS A 309 -12.19 -7.73 -19.03
C LYS A 309 -13.46 -6.89 -19.02
N SER A 310 -14.07 -6.67 -17.86
CA SER A 310 -15.30 -5.86 -17.72
C SER A 310 -15.51 -5.45 -16.27
N LEU A 311 -16.09 -4.28 -16.05
CA LEU A 311 -16.45 -3.75 -14.72
C LEU A 311 -16.90 -4.88 -13.77
N THR A 312 -17.65 -5.89 -14.25
CA THR A 312 -18.07 -7.00 -13.36
C THR A 312 -16.78 -7.72 -12.89
N HIS A 313 -15.88 -8.06 -13.80
CA HIS A 313 -14.56 -8.63 -13.46
C HIS A 313 -13.75 -7.74 -12.48
N ILE A 314 -13.70 -6.43 -12.67
CA ILE A 314 -12.97 -5.53 -11.74
C ILE A 314 -13.59 -5.68 -10.35
N LYS A 315 -14.90 -5.70 -10.27
CA LYS A 315 -15.59 -5.61 -8.97
C LYS A 315 -15.31 -6.93 -8.26
N ALA A 316 -15.44 -8.04 -8.99
CA ALA A 316 -15.10 -9.40 -8.52
C ALA A 316 -13.64 -9.48 -8.02
N GLY A 317 -12.67 -8.93 -8.76
CA GLY A 317 -11.26 -8.95 -8.32
C GLY A 317 -11.06 -8.06 -7.09
N CYS A 318 -11.74 -6.91 -6.99
CA CYS A 318 -11.76 -6.07 -5.78
C CYS A 318 -12.27 -6.85 -4.56
N ILE A 319 -13.19 -7.81 -4.72
CA ILE A 319 -13.69 -8.59 -3.55
C ILE A 319 -12.59 -9.57 -3.14
N LEU A 320 -11.98 -10.28 -4.06
CA LEU A 320 -10.90 -11.26 -3.77
C LEU A 320 -9.76 -10.59 -2.99
N CYS A 321 -9.26 -9.45 -3.53
CA CYS A 321 -8.18 -8.64 -2.91
C CYS A 321 -8.58 -8.24 -1.47
N GLY A 322 -9.83 -7.85 -1.25
CA GLY A 322 -10.41 -7.54 0.07
C GLY A 322 -10.28 -8.68 1.08
N TYR A 323 -10.74 -9.88 0.74
CA TYR A 323 -10.64 -11.06 1.64
C TYR A 323 -9.16 -11.33 1.90
N LEU A 324 -8.31 -11.29 0.87
CA LEU A 324 -6.83 -11.40 1.09
C LEU A 324 -6.25 -10.31 2.01
N LYS A 325 -6.85 -9.12 2.07
CA LYS A 325 -6.24 -8.01 2.82
C LYS A 325 -6.62 -8.12 4.29
N LEU A 326 -7.45 -9.10 4.66
CA LEU A 326 -7.65 -9.48 6.08
C LEU A 326 -6.47 -10.29 6.53
N THR A 327 -5.99 -11.22 5.69
CA THR A 327 -4.93 -12.19 6.08
C THR A 327 -3.72 -11.58 6.79
N PRO A 328 -3.18 -10.38 6.43
CA PRO A 328 -1.94 -9.87 7.04
C PRO A 328 -1.92 -9.75 8.58
N MET A 329 -3.01 -9.41 9.28
CA MET A 329 -3.08 -9.50 10.77
C MET A 329 -2.51 -10.87 11.16
N PHE A 330 -3.21 -11.91 10.73
CA PHE A 330 -2.97 -13.28 11.25
C PHE A 330 -1.62 -13.78 10.70
N LEU A 331 -1.12 -13.25 9.61
CA LEU A 331 0.11 -13.80 8.97
C LEU A 331 1.36 -12.97 9.24
N MET A 332 1.26 -11.72 9.70
CA MET A 332 2.43 -10.80 9.84
C MET A 332 2.44 -10.15 11.22
N VAL A 333 1.33 -9.52 11.59
CA VAL A 333 1.19 -8.81 12.89
C VAL A 333 1.32 -9.81 14.03
N MET A 334 0.55 -10.88 14.04
CA MET A 334 0.51 -11.81 15.23
C MET A 334 1.78 -12.64 15.31
N PRO A 335 2.35 -13.15 14.20
CA PRO A 335 3.71 -13.69 14.23
C PRO A 335 4.75 -12.76 14.85
N GLY A 336 4.70 -11.47 14.56
CA GLY A 336 5.70 -10.54 15.12
C GLY A 336 5.48 -10.33 16.59
N MET A 337 4.23 -10.33 17.05
CA MET A 337 3.97 -10.33 18.52
C MET A 337 4.52 -11.63 19.19
N ILE A 338 4.34 -12.80 18.55
CA ILE A 338 4.90 -14.12 19.03
C ILE A 338 6.44 -14.03 19.10
N SER A 339 7.11 -13.29 18.21
CA SER A 339 8.59 -13.17 18.27
C SER A 339 9.01 -12.44 19.56
N ARG A 340 8.23 -11.43 19.98
CA ARG A 340 8.42 -10.68 21.27
C ARG A 340 8.30 -11.62 22.48
N ILE A 341 7.28 -12.49 22.45
CA ILE A 341 6.99 -13.52 23.49
C ILE A 341 8.19 -14.47 23.54
N LEU A 342 8.73 -14.90 22.40
CA LEU A 342 9.76 -15.99 22.34
C LEU A 342 11.20 -15.46 22.58
N TYR A 343 11.56 -14.30 22.04
CA TYR A 343 12.95 -13.78 22.07
C TYR A 343 12.91 -12.34 22.58
N PRO A 344 12.48 -12.11 23.85
CA PRO A 344 12.26 -10.75 24.37
C PRO A 344 13.55 -9.96 24.55
N ASP A 345 14.64 -10.62 24.91
CA ASP A 345 15.93 -9.91 25.14
C ASP A 345 16.56 -9.48 23.81
N GLU A 346 16.12 -10.00 22.65
CA GLU A 346 16.66 -9.66 21.31
C GLU A 346 15.65 -8.86 20.49
N VAL A 347 14.37 -9.24 20.48
CA VAL A 347 13.31 -8.52 19.73
C VAL A 347 12.84 -7.33 20.54
N ALA A 348 12.74 -7.38 21.87
CA ALA A 348 12.26 -6.23 22.69
C ALA A 348 13.40 -5.49 23.45
N CYS A 349 14.61 -5.44 22.91
CA CYS A 349 15.74 -4.75 23.60
C CYS A 349 15.52 -3.23 23.60
N VAL A 350 15.98 -2.54 24.64
CA VAL A 350 15.86 -1.04 24.77
C VAL A 350 17.22 -0.37 24.99
N VAL A 351 18.20 -1.03 25.59
CA VAL A 351 19.48 -0.36 25.92
C VAL A 351 20.27 -0.25 24.60
N PRO A 352 20.77 0.97 24.28
CA PRO A 352 21.59 1.25 23.11
C PRO A 352 22.78 0.33 22.81
N GLU A 353 23.55 -0.02 23.82
CA GLU A 353 24.71 -0.94 23.68
C GLU A 353 24.21 -2.34 23.26
N VAL A 354 23.11 -2.79 23.87
CA VAL A 354 22.52 -4.14 23.68
C VAL A 354 21.93 -4.19 22.27
N CYS A 355 21.21 -3.13 21.88
CA CYS A 355 20.57 -3.08 20.53
C CYS A 355 21.64 -2.99 19.43
N ARG A 356 22.76 -2.33 19.70
CA ARG A 356 23.89 -2.21 18.73
C ARG A 356 24.56 -3.58 18.61
N ARG A 357 24.62 -4.37 19.70
CA ARG A 357 25.17 -5.76 19.71
C ARG A 357 24.24 -6.68 18.91
N VAL A 358 22.91 -6.56 19.05
CA VAL A 358 21.92 -7.57 18.55
C VAL A 358 21.78 -7.39 17.03
N CYS A 359 21.40 -6.22 16.52
CA CYS A 359 21.17 -6.11 15.04
C CYS A 359 21.85 -4.87 14.42
N GLY A 360 22.80 -4.25 15.09
CA GLY A 360 23.53 -3.08 14.56
C GLY A 360 22.90 -1.71 14.86
N THR A 361 21.64 -1.65 15.31
CA THR A 361 20.83 -0.42 15.36
C THR A 361 20.69 -0.06 16.85
N GLU A 362 21.26 1.08 17.24
CA GLU A 362 21.16 1.70 18.58
C GLU A 362 19.71 2.02 18.97
N VAL A 363 18.77 2.27 18.04
CA VAL A 363 17.40 2.73 18.40
C VAL A 363 16.46 1.58 18.73
N GLY A 364 16.81 0.30 18.52
CA GLY A 364 15.88 -0.82 18.82
C GLY A 364 16.11 -1.98 17.90
N CYS A 365 15.40 -3.11 18.05
CA CYS A 365 15.62 -4.30 17.16
C CYS A 365 14.31 -4.95 16.68
N SER A 366 13.17 -4.29 16.84
CA SER A 366 11.82 -4.76 16.40
C SER A 366 11.92 -5.45 15.04
N ASN A 367 12.68 -4.87 14.12
CA ASN A 367 12.83 -5.26 12.69
C ASN A 367 13.22 -6.72 12.51
N ILE A 368 13.96 -7.32 13.46
CA ILE A 368 14.37 -8.75 13.39
C ILE A 368 13.19 -9.66 13.79
N ALA A 369 12.05 -9.16 14.28
CA ALA A 369 10.87 -9.99 14.62
C ALA A 369 10.58 -11.10 13.60
N TYR A 370 10.24 -10.73 12.36
CA TYR A 370 9.81 -11.73 11.32
C TYR A 370 11.01 -12.62 10.94
N PRO A 371 12.17 -12.09 10.49
CA PRO A 371 13.30 -12.96 10.16
C PRO A 371 14.04 -13.71 11.29
N ARG A 372 13.71 -13.56 12.57
CA ARG A 372 14.13 -14.53 13.62
C ARG A 372 13.29 -15.78 13.57
N LEU A 373 11.98 -15.62 13.42
CA LEU A 373 11.09 -16.80 13.34
C LEU A 373 11.50 -17.67 12.15
N VAL A 374 11.97 -17.12 11.05
CA VAL A 374 12.31 -17.97 9.87
C VAL A 374 13.58 -18.76 10.22
N VAL A 375 14.60 -18.09 10.78
CA VAL A 375 15.88 -18.71 11.26
C VAL A 375 15.61 -19.77 12.33
N LYS A 376 14.83 -19.45 13.36
CA LYS A 376 14.63 -20.32 14.55
C LYS A 376 13.60 -21.45 14.29
N LEU A 377 12.41 -21.14 13.78
CA LEU A 377 11.27 -22.10 13.77
C LEU A 377 11.21 -22.99 12.54
N MET A 378 11.72 -22.55 11.38
CA MET A 378 11.48 -23.28 10.10
C MET A 378 12.50 -24.39 9.97
N PRO A 379 12.09 -25.63 9.59
CA PRO A 379 13.02 -26.74 9.39
C PRO A 379 13.93 -26.61 8.16
N ASN A 380 14.63 -27.69 7.78
CA ASN A 380 15.64 -27.74 6.69
C ASN A 380 14.99 -27.39 5.34
N GLY A 381 13.81 -27.92 5.03
CA GLY A 381 13.15 -27.74 3.72
C GLY A 381 12.42 -26.41 3.56
N LEU A 382 11.71 -25.94 4.60
CA LEU A 382 10.76 -24.79 4.52
C LEU A 382 11.45 -23.43 4.74
N ARG A 383 12.70 -23.39 5.20
CA ARG A 383 13.48 -22.13 5.23
C ARG A 383 13.51 -21.57 3.80
N GLY A 384 13.81 -22.44 2.83
CA GLY A 384 13.80 -22.16 1.38
C GLY A 384 12.51 -21.54 0.93
N LEU A 385 11.38 -22.16 1.30
CA LEU A 385 10.01 -21.65 0.96
C LEU A 385 9.84 -20.21 1.53
N MET A 386 10.28 -19.94 2.76
CA MET A 386 10.12 -18.59 3.36
C MET A 386 11.07 -17.56 2.69
N LEU A 387 12.21 -18.00 2.15
CA LEU A 387 13.05 -17.14 1.27
C LEU A 387 12.26 -16.85 -0.01
N ALA A 388 11.63 -17.87 -0.59
CA ALA A 388 10.78 -17.71 -1.78
C ALA A 388 9.59 -16.79 -1.46
N VAL A 389 9.03 -16.80 -0.26
CA VAL A 389 7.90 -15.89 0.11
C VAL A 389 8.43 -14.46 0.07
N MET A 390 9.58 -14.18 0.69
CA MET A 390 10.10 -12.79 0.71
C MET A 390 10.42 -12.33 -0.72
N LEU A 391 10.95 -13.24 -1.51
CA LEU A 391 11.37 -12.95 -2.90
C LEU A 391 10.13 -12.63 -3.74
N ALA A 392 9.12 -13.48 -3.62
CA ALA A 392 7.80 -13.34 -4.25
C ALA A 392 7.22 -11.97 -3.92
N ALA A 393 7.22 -11.57 -2.63
CA ALA A 393 6.64 -10.30 -2.13
C ALA A 393 7.43 -9.13 -2.77
N LEU A 394 8.75 -9.18 -2.72
CA LEU A 394 9.61 -8.06 -3.12
C LEU A 394 9.53 -7.90 -4.63
N MET A 395 9.60 -8.97 -5.41
CA MET A 395 9.66 -8.90 -6.89
C MET A 395 8.31 -8.43 -7.41
N SER A 396 7.21 -8.99 -6.93
CA SER A 396 5.86 -8.54 -7.34
C SER A 396 5.67 -7.00 -7.14
N SER A 397 6.15 -6.45 -6.03
CA SER A 397 5.93 -5.05 -5.64
C SER A 397 6.87 -4.15 -6.44
N LEU A 398 8.17 -4.47 -6.50
CA LEU A 398 9.15 -3.64 -7.26
C LEU A 398 8.80 -3.71 -8.75
N ALA A 399 8.38 -4.85 -9.30
CA ALA A 399 7.99 -4.89 -10.75
C ALA A 399 6.75 -4.02 -11.01
N SER A 400 5.73 -4.06 -10.17
CA SER A 400 4.50 -3.22 -10.29
C SER A 400 4.84 -1.73 -10.26
N ILE A 401 5.81 -1.32 -9.49
CA ILE A 401 6.30 0.08 -9.42
C ILE A 401 7.03 0.44 -10.73
N PHE A 402 7.92 -0.40 -11.21
CA PHE A 402 8.70 -0.16 -12.44
C PHE A 402 7.78 -0.10 -13.67
N ASN A 403 6.84 -1.02 -13.77
CA ASN A 403 5.84 -0.93 -14.86
C ASN A 403 4.97 0.35 -14.77
N SER A 404 4.40 0.67 -13.62
CA SER A 404 3.46 1.81 -13.49
C SER A 404 4.22 3.13 -13.72
N SER A 405 5.45 3.23 -13.22
CA SER A 405 6.30 4.42 -13.42
C SER A 405 6.66 4.56 -14.90
N SER A 406 6.85 3.43 -15.59
CA SER A 406 7.14 3.37 -17.04
C SER A 406 5.97 4.00 -17.77
N THR A 407 4.77 3.60 -17.36
CA THR A 407 3.53 4.11 -18.02
C THR A 407 3.42 5.63 -17.82
N LEU A 408 3.65 6.10 -16.58
CA LEU A 408 3.54 7.52 -16.18
C LEU A 408 4.49 8.32 -17.02
N PHE A 409 5.74 7.89 -17.05
CA PHE A 409 6.82 8.61 -17.77
C PHE A 409 6.47 8.66 -19.25
N THR A 410 6.27 7.48 -19.87
CA THR A 410 6.11 7.29 -21.33
C THR A 410 4.91 8.12 -21.78
N MET A 411 3.74 7.81 -21.23
CA MET A 411 2.46 8.34 -21.71
C MET A 411 2.37 9.84 -21.36
N ASP A 412 2.58 10.28 -20.12
CA ASP A 412 2.42 11.73 -19.75
C ASP A 412 3.63 12.59 -20.19
N ILE A 413 4.87 12.25 -19.84
CA ILE A 413 6.03 13.18 -19.98
C ILE A 413 6.65 12.97 -21.35
N TYR A 414 6.82 11.76 -21.86
CA TYR A 414 7.59 11.60 -23.13
C TYR A 414 6.73 12.01 -24.32
N THR A 415 5.40 11.89 -24.20
CA THR A 415 4.50 12.26 -25.33
C THR A 415 4.41 13.81 -25.39
N ARG A 416 4.87 14.52 -24.36
CA ARG A 416 5.04 15.99 -24.35
C ARG A 416 6.25 16.35 -25.20
N LEU A 417 7.40 15.75 -24.90
CA LEU A 417 8.72 16.01 -25.55
C LEU A 417 8.72 15.48 -26.99
N ARG A 418 7.91 14.47 -27.32
CA ARG A 418 7.72 13.93 -28.69
C ARG A 418 6.23 13.58 -28.89
N PRO A 419 5.42 14.53 -29.42
CA PRO A 419 3.98 14.29 -29.64
C PRO A 419 3.57 13.24 -30.68
N ARG A 420 4.23 13.20 -31.85
CA ARG A 420 3.95 12.26 -32.98
C ARG A 420 4.87 11.05 -32.81
N ALA A 421 4.66 10.27 -31.76
CA ALA A 421 5.64 9.26 -31.28
C ALA A 421 5.41 7.90 -31.97
N GLY A 422 4.25 7.29 -31.73
CA GLY A 422 3.88 5.98 -32.31
C GLY A 422 4.35 4.80 -31.48
N ASP A 423 3.66 3.68 -31.60
CA ASP A 423 3.58 2.65 -30.54
C ASP A 423 4.82 1.74 -30.53
N ARG A 424 5.85 1.99 -31.36
CA ARG A 424 7.11 1.20 -31.40
C ARG A 424 8.16 1.89 -30.53
N GLU A 425 8.33 3.19 -30.74
CA GLU A 425 9.15 4.14 -29.94
C GLU A 425 8.65 4.22 -28.49
N LEU A 426 7.34 4.33 -28.29
CA LEU A 426 6.75 4.40 -26.92
C LEU A 426 7.06 3.12 -26.12
N LEU A 427 7.06 1.93 -26.72
CA LEU A 427 7.44 0.69 -25.98
C LEU A 427 8.94 0.66 -25.66
N LEU A 428 9.76 1.22 -26.53
CA LEU A 428 11.21 1.28 -26.30
C LEU A 428 11.50 2.26 -25.17
N VAL A 429 10.82 3.40 -25.16
CA VAL A 429 10.93 4.42 -24.09
C VAL A 429 10.39 3.83 -22.81
N GLY A 430 9.32 3.05 -22.87
CA GLY A 430 8.82 2.29 -21.71
C GLY A 430 9.89 1.39 -21.10
N ARG A 431 10.57 0.60 -21.93
CA ARG A 431 11.63 -0.35 -21.50
C ARG A 431 12.87 0.39 -20.99
N LEU A 432 13.24 1.52 -21.55
CA LEU A 432 14.46 2.24 -21.12
C LEU A 432 14.20 2.98 -19.83
N TRP A 433 12.97 3.38 -19.56
CA TRP A 433 12.67 3.98 -18.24
C TRP A 433 12.85 2.94 -17.13
N VAL A 434 12.49 1.67 -17.35
CA VAL A 434 12.60 0.61 -16.31
C VAL A 434 14.08 0.47 -15.92
N VAL A 435 14.98 0.47 -16.90
CA VAL A 435 16.45 0.51 -16.62
C VAL A 435 16.82 1.72 -15.77
N PHE A 436 16.28 2.88 -16.08
CA PHE A 436 16.73 4.16 -15.48
C PHE A 436 16.23 4.19 -14.04
N ILE A 437 14.99 3.80 -13.78
CA ILE A 437 14.42 3.89 -12.40
C ILE A 437 15.08 2.79 -11.51
N VAL A 438 15.47 1.61 -12.03
CA VAL A 438 16.38 0.67 -11.29
C VAL A 438 17.69 1.38 -10.89
N VAL A 439 18.36 2.07 -11.79
CA VAL A 439 19.65 2.77 -11.46
C VAL A 439 19.45 3.92 -10.45
N VAL A 440 18.40 4.68 -10.57
CA VAL A 440 18.05 5.74 -9.58
C VAL A 440 17.85 5.10 -8.20
N SER A 441 17.25 3.91 -8.13
CA SER A 441 16.95 3.25 -6.84
C SER A 441 18.26 2.72 -6.23
N VAL A 442 19.19 2.22 -7.03
CA VAL A 442 20.58 1.88 -6.58
C VAL A 442 21.27 3.12 -5.99
N ALA A 443 21.19 4.26 -6.66
CA ALA A 443 21.74 5.55 -6.16
C ALA A 443 21.09 5.96 -4.82
N TRP A 444 19.84 5.62 -4.62
CA TRP A 444 18.98 6.01 -3.46
C TRP A 444 19.16 5.08 -2.29
N LEU A 445 19.75 3.90 -2.49
CA LEU A 445 19.78 2.82 -1.46
C LEU A 445 20.53 3.30 -0.22
N PRO A 446 21.70 3.96 -0.29
CA PRO A 446 22.34 4.51 0.91
C PRO A 446 21.58 5.52 1.79
N VAL A 447 20.78 6.37 1.17
CA VAL A 447 19.86 7.32 1.87
C VAL A 447 18.81 6.50 2.64
N VAL A 448 18.31 5.42 2.07
CA VAL A 448 17.26 4.64 2.77
C VAL A 448 17.97 3.81 3.86
N GLN A 449 19.23 3.41 3.67
CA GLN A 449 19.98 2.66 4.72
C GLN A 449 20.31 3.58 5.90
N ALA A 450 20.26 4.90 5.72
CA ALA A 450 20.30 5.89 6.81
C ALA A 450 19.14 5.75 7.80
N ALA A 451 18.02 5.15 7.43
CA ALA A 451 16.89 4.95 8.37
C ALA A 451 17.28 3.84 9.35
N GLN A 452 17.10 4.12 10.63
CA GLN A 452 17.71 3.36 11.73
C GLN A 452 16.51 2.69 12.38
N GLY A 453 16.32 1.39 12.21
CA GLY A 453 15.17 0.67 12.82
C GLY A 453 13.84 0.94 12.12
N GLY A 454 12.74 1.06 12.87
CA GLY A 454 11.39 1.26 12.29
C GLY A 454 11.04 2.71 12.00
N GLN A 455 12.04 3.58 11.84
CA GLN A 455 11.83 5.00 11.51
C GLN A 455 11.17 5.01 10.13
N LEU A 456 11.64 4.18 9.18
CA LEU A 456 11.14 4.19 7.79
C LEU A 456 9.65 3.85 7.72
N PHE A 457 9.14 2.87 8.44
CA PHE A 457 7.69 2.57 8.31
C PHE A 457 6.93 3.84 8.74
N ASP A 458 7.33 4.42 9.87
CA ASP A 458 6.65 5.64 10.38
C ASP A 458 6.80 6.75 9.34
N TYR A 459 8.00 6.98 8.77
CA TYR A 459 8.18 8.12 7.83
C TYR A 459 7.41 7.92 6.54
N ILE A 460 7.32 6.72 6.04
CA ILE A 460 6.57 6.44 4.80
C ILE A 460 5.15 6.85 5.02
N GLN A 461 4.63 6.53 6.17
CA GLN A 461 3.21 6.82 6.40
C GLN A 461 3.01 8.31 6.73
N ALA A 462 4.05 9.00 7.16
CA ALA A 462 4.04 10.47 7.33
C ALA A 462 3.99 11.13 5.95
N VAL A 463 5.00 10.88 5.12
CA VAL A 463 5.12 11.42 3.73
C VAL A 463 3.81 11.17 3.00
N SER A 464 3.38 9.93 2.92
CA SER A 464 2.04 9.65 2.35
C SER A 464 0.98 10.63 2.92
N SER A 465 0.95 10.91 4.20
CA SER A 465 -0.09 11.75 4.85
C SER A 465 0.17 13.23 4.58
N TYR A 466 1.36 13.64 4.15
CA TYR A 466 1.60 15.09 3.87
C TYR A 466 1.49 15.42 2.37
N LEU A 467 1.69 14.48 1.45
CA LEU A 467 1.57 14.75 0.00
C LEU A 467 0.31 14.16 -0.63
N ALA A 468 -0.27 13.11 -0.12
CA ALA A 468 -1.41 12.42 -0.74
C ALA A 468 -2.74 13.14 -0.55
N PRO A 469 -3.08 13.73 0.62
CA PRO A 469 -4.44 14.24 0.80
C PRO A 469 -4.93 15.28 -0.20
N PRO A 470 -4.09 16.22 -0.69
CA PRO A 470 -4.52 17.11 -1.76
C PRO A 470 -4.95 16.37 -3.03
N VAL A 471 -4.25 15.31 -3.38
CA VAL A 471 -4.56 14.46 -4.55
C VAL A 471 -5.90 13.75 -4.26
N SER A 472 -6.09 13.14 -3.11
CA SER A 472 -7.36 12.51 -2.68
C SER A 472 -8.52 13.50 -2.83
N ALA A 473 -8.31 14.75 -2.41
CA ALA A 473 -9.31 15.84 -2.45
C ALA A 473 -9.64 16.20 -3.89
N VAL A 474 -8.67 16.19 -4.79
CA VAL A 474 -8.88 16.55 -6.23
C VAL A 474 -9.64 15.43 -6.94
N PHE A 475 -9.24 14.20 -6.83
CA PHE A 475 -9.91 13.08 -7.52
C PHE A 475 -11.35 12.94 -7.00
N VAL A 476 -11.64 13.18 -5.72
CA VAL A 476 -13.03 13.18 -5.18
C VAL A 476 -13.82 14.38 -5.75
N LEU A 477 -13.27 15.58 -5.77
CA LEU A 477 -13.95 16.73 -6.44
C LEU A 477 -13.95 16.66 -7.98
N ALA A 478 -12.99 15.99 -8.59
CA ALA A 478 -12.97 15.74 -10.06
C ALA A 478 -14.10 14.80 -10.47
N LEU A 479 -14.49 13.88 -9.60
CA LEU A 479 -15.36 12.73 -9.93
C LEU A 479 -16.79 13.04 -9.52
N PHE A 480 -16.99 13.81 -8.43
CA PHE A 480 -18.31 14.02 -7.74
C PHE A 480 -18.83 15.45 -7.85
N VAL A 481 -18.02 16.48 -8.03
CA VAL A 481 -18.46 17.90 -8.13
C VAL A 481 -18.07 18.50 -9.49
N PRO A 482 -18.91 18.35 -10.54
CA PRO A 482 -18.70 18.97 -11.84
C PRO A 482 -18.52 20.48 -11.94
N ARG A 483 -18.84 21.25 -10.90
CA ARG A 483 -18.52 22.69 -10.93
C ARG A 483 -16.99 22.96 -10.88
N VAL A 484 -16.20 22.07 -10.28
CA VAL A 484 -14.74 22.29 -10.04
C VAL A 484 -14.03 22.35 -11.39
N ASN A 485 -13.20 23.36 -11.61
CA ASN A 485 -12.56 23.62 -12.92
C ASN A 485 -11.05 23.55 -12.77
N GLU A 486 -10.30 23.94 -13.81
CA GLU A 486 -8.84 23.67 -13.90
C GLU A 486 -8.09 24.62 -12.95
N GLN A 487 -8.42 25.91 -12.90
CA GLN A 487 -7.79 26.89 -11.95
C GLN A 487 -7.94 26.38 -10.50
N GLY A 488 -9.14 25.93 -10.16
CA GLY A 488 -9.41 25.40 -8.82
C GLY A 488 -8.58 24.18 -8.56
N ALA A 489 -8.63 23.23 -9.47
CA ALA A 489 -8.02 21.89 -9.28
C ALA A 489 -6.52 22.09 -9.18
N PHE A 490 -5.94 22.93 -10.02
CA PHE A 490 -4.48 23.15 -10.03
C PHE A 490 -4.00 23.89 -8.78
N TRP A 491 -4.59 25.05 -8.46
CA TRP A 491 -4.20 25.81 -7.25
C TRP A 491 -4.64 25.07 -5.97
N GLY A 492 -5.61 24.16 -6.02
CA GLY A 492 -5.89 23.23 -4.89
C GLY A 492 -4.70 22.33 -4.60
N LEU A 493 -4.18 21.70 -5.65
CA LEU A 493 -3.01 20.81 -5.58
C LEU A 493 -1.76 21.55 -5.06
N ILE A 494 -1.49 22.72 -5.59
CA ILE A 494 -0.27 23.50 -5.22
C ILE A 494 -0.43 24.11 -3.81
N GLY A 495 -1.60 24.61 -3.46
CA GLY A 495 -1.83 25.02 -2.06
C GLY A 495 -1.61 23.87 -1.10
N GLY A 496 -2.15 22.69 -1.44
CA GLY A 496 -1.90 21.42 -0.76
C GLY A 496 -0.42 21.19 -0.51
N LEU A 497 0.44 21.33 -1.51
CA LEU A 497 1.86 20.98 -1.35
C LEU A 497 2.50 22.03 -0.43
N LEU A 498 2.14 23.29 -0.56
CA LEU A 498 2.65 24.30 0.39
C LEU A 498 2.35 23.87 1.83
N MET A 499 1.14 23.42 2.14
CA MET A 499 0.76 23.14 3.56
C MET A 499 1.53 21.89 3.98
N GLY A 500 1.54 20.94 3.06
CA GLY A 500 2.21 19.63 3.27
C GLY A 500 3.71 19.77 3.45
N LEU A 501 4.35 20.78 2.88
CA LEU A 501 5.78 20.86 3.08
C LEU A 501 6.05 21.72 4.27
N ALA A 502 5.07 22.51 4.73
CA ALA A 502 5.28 23.34 5.94
C ALA A 502 5.56 22.40 7.12
N ARG A 503 5.13 21.15 7.02
CA ARG A 503 5.36 20.15 8.11
C ARG A 503 6.41 19.14 7.65
N LEU A 504 6.42 18.79 6.37
CA LEU A 504 7.41 17.80 5.83
C LEU A 504 8.79 18.47 5.77
N ILE A 505 8.91 19.71 6.20
CA ILE A 505 10.21 20.45 6.18
C ILE A 505 10.70 20.45 7.62
N PRO A 506 10.25 21.42 8.41
CA PRO A 506 10.50 21.50 9.84
C PRO A 506 10.69 20.16 10.49
N GLU A 507 9.77 19.21 10.51
CA GLU A 507 10.09 17.92 11.21
C GLU A 507 11.46 17.30 10.88
N PHE A 508 11.76 16.96 9.62
CA PHE A 508 12.90 16.19 9.10
C PHE A 508 14.20 16.98 9.35
N SER A 509 14.00 18.25 9.71
CA SER A 509 15.09 19.16 10.12
C SER A 509 15.43 18.77 11.56
N PHE A 510 14.45 18.27 12.32
CA PHE A 510 14.78 17.82 13.70
C PHE A 510 15.28 16.35 13.84
N GLY A 511 14.85 15.40 13.03
CA GLY A 511 15.19 13.98 13.19
C GLY A 511 14.13 13.24 13.98
N SER A 512 14.41 11.99 14.42
CA SER A 512 13.40 11.03 14.98
C SER A 512 13.78 10.56 16.38
N GLY A 513 14.95 9.92 16.51
CA GLY A 513 15.35 9.23 17.75
C GLY A 513 14.43 8.06 18.08
N SER A 514 14.09 7.91 19.37
CA SER A 514 13.33 6.76 19.97
C SER A 514 12.55 7.20 21.23
N CYS A 515 12.04 6.26 22.00
CA CYS A 515 11.37 6.58 23.28
C CYS A 515 12.46 6.78 24.34
N VAL A 516 13.57 6.07 24.20
CA VAL A 516 14.74 6.16 25.09
C VAL A 516 15.44 7.51 24.87
N GLN A 517 15.66 7.90 23.60
CA GLN A 517 16.32 9.16 23.14
C GLN A 517 15.29 9.95 22.33
N PRO A 518 14.45 10.79 22.97
CA PRO A 518 13.47 11.58 22.23
C PRO A 518 14.15 12.69 21.40
N SER A 519 13.61 12.97 20.21
CA SER A 519 14.00 14.16 19.39
C SER A 519 13.63 15.46 20.10
N ALA A 520 14.32 16.55 19.76
CA ALA A 520 14.04 17.92 20.26
C ALA A 520 12.93 18.60 19.43
N CYS A 521 12.15 17.89 18.64
CA CYS A 521 11.08 18.53 17.83
C CYS A 521 9.98 19.09 18.74
N PRO A 522 9.57 20.35 18.54
CA PRO A 522 8.51 20.99 19.34
C PRO A 522 7.18 20.26 19.27
N ALA A 523 6.46 20.27 20.39
CA ALA A 523 5.17 19.57 20.55
C ALA A 523 4.21 20.18 19.55
N PHE A 524 4.23 21.50 19.42
CA PHE A 524 3.27 22.12 18.51
C PHE A 524 3.61 21.67 17.06
N LEU A 525 4.84 21.25 16.65
CA LEU A 525 5.07 20.58 15.33
C LEU A 525 4.70 19.09 15.25
N CYS A 526 4.97 18.27 16.25
CA CYS A 526 4.99 16.77 16.18
C CYS A 526 3.88 16.09 16.99
N GLY A 527 3.18 16.84 17.84
CA GLY A 527 2.19 16.31 18.81
C GLY A 527 0.90 15.96 18.12
N VAL A 528 0.56 16.67 17.04
CA VAL A 528 -0.58 16.30 16.16
C VAL A 528 -0.14 15.07 15.39
N HIS A 529 -0.85 13.92 15.48
CA HIS A 529 -0.43 12.69 14.76
C HIS A 529 -0.53 12.98 13.25
N TYR A 530 0.41 12.47 12.44
CA TYR A 530 0.45 12.72 10.98
C TYR A 530 -0.89 12.33 10.29
N LEU A 531 -1.61 11.32 10.74
CA LEU A 531 -2.92 10.92 10.15
C LEU A 531 -4.00 11.93 10.54
N TYR A 532 -3.84 12.73 11.60
CA TYR A 532 -4.81 13.83 11.88
C TYR A 532 -4.55 14.99 10.91
N PHE A 533 -3.29 15.31 10.67
CA PHE A 533 -2.90 16.36 9.71
C PHE A 533 -3.31 15.94 8.31
N ALA A 534 -3.36 14.64 7.99
CA ALA A 534 -4.01 14.19 6.74
C ALA A 534 -5.44 14.78 6.65
N ILE A 535 -6.23 14.70 7.72
CA ILE A 535 -7.66 15.12 7.68
C ILE A 535 -7.73 16.63 7.46
N VAL A 536 -6.98 17.41 8.23
CA VAL A 536 -6.82 18.90 8.04
C VAL A 536 -6.42 19.23 6.59
N LEU A 537 -5.35 18.63 6.09
CA LEU A 537 -4.76 18.93 4.75
C LEU A 537 -5.75 18.64 3.63
N PHE A 538 -6.49 17.52 3.74
CA PHE A 538 -7.59 17.14 2.82
C PHE A 538 -8.66 18.22 2.79
N PHE A 539 -9.19 18.65 3.94
CA PHE A 539 -10.30 19.64 3.97
C PHE A 539 -9.82 21.03 3.56
N CYS A 540 -8.59 21.40 3.84
CA CYS A 540 -8.03 22.71 3.38
C CYS A 540 -7.78 22.69 1.87
N SER A 541 -7.23 21.60 1.30
CA SER A 541 -7.04 21.42 -0.16
C SER A 541 -8.41 21.37 -0.86
N GLY A 542 -9.38 20.64 -0.28
CA GLY A 542 -10.78 20.60 -0.74
C GLY A 542 -11.39 21.99 -0.83
N LEU A 543 -11.29 22.73 0.27
CA LEU A 543 -11.89 24.08 0.41
C LEU A 543 -11.24 25.04 -0.59
N LEU A 544 -9.92 24.91 -0.80
CA LEU A 544 -9.17 25.81 -1.72
C LEU A 544 -9.58 25.56 -3.16
N THR A 545 -9.73 24.28 -3.51
CA THR A 545 -10.13 23.83 -4.86
C THR A 545 -11.52 24.42 -5.15
N LEU A 546 -12.45 24.23 -4.23
CA LEU A 546 -13.84 24.69 -4.40
C LEU A 546 -13.88 26.20 -4.45
N THR A 547 -13.16 26.90 -3.60
CA THR A 547 -13.19 28.39 -3.55
C THR A 547 -12.70 28.98 -4.85
N VAL A 548 -11.54 28.55 -5.31
CA VAL A 548 -10.92 29.09 -6.56
C VAL A 548 -11.78 28.66 -7.77
N SER A 549 -12.38 27.47 -7.73
CA SER A 549 -13.31 26.98 -8.79
C SER A 549 -14.50 27.92 -8.84
N LEU A 550 -15.11 28.21 -7.69
CA LEU A 550 -16.40 28.96 -7.64
C LEU A 550 -16.16 30.44 -7.97
N CYS A 551 -14.93 30.94 -7.86
CA CYS A 551 -14.58 32.32 -8.28
C CYS A 551 -14.46 32.39 -9.81
N THR A 552 -13.81 31.41 -10.43
CA THR A 552 -13.46 31.37 -11.88
C THR A 552 -14.62 30.73 -12.69
N ALA A 553 -14.64 30.90 -14.01
CA ALA A 553 -15.78 30.51 -14.90
C ALA A 553 -15.91 28.98 -15.01
N PRO A 554 -17.14 28.41 -14.99
CA PRO A 554 -17.32 26.95 -15.03
C PRO A 554 -17.14 26.27 -16.41
N ILE A 555 -17.04 24.94 -16.40
CA ILE A 555 -16.87 24.02 -17.58
C ILE A 555 -18.26 23.45 -17.86
N PRO A 556 -18.85 23.63 -19.09
CA PRO A 556 -20.18 23.06 -19.40
C PRO A 556 -20.23 21.54 -19.62
N ARG A 557 -21.45 20.99 -19.69
CA ARG A 557 -21.73 19.52 -19.72
C ARG A 557 -21.20 18.85 -21.00
N LYS A 558 -21.13 19.59 -22.12
CA LYS A 558 -20.62 19.09 -23.42
C LYS A 558 -19.17 18.66 -23.34
N HIS A 559 -18.40 19.20 -22.39
CA HIS A 559 -16.99 18.80 -22.14
C HIS A 559 -16.87 17.58 -21.21
N LEU A 560 -17.96 17.08 -20.60
CA LEU A 560 -17.88 16.31 -19.32
C LEU A 560 -18.58 14.95 -19.39
N HIS A 561 -19.06 14.48 -20.54
CA HIS A 561 -19.80 13.19 -20.65
C HIS A 561 -18.81 12.05 -20.41
N ARG A 562 -19.21 11.07 -19.57
CA ARG A 562 -18.39 9.87 -19.24
C ARG A 562 -17.03 10.21 -18.55
N LEU A 563 -16.89 11.39 -17.94
CA LEU A 563 -15.72 11.86 -17.14
C LEU A 563 -16.09 12.17 -15.70
N VAL A 564 -17.36 12.02 -15.33
CA VAL A 564 -17.91 12.39 -14.01
C VAL A 564 -18.86 11.29 -13.59
N PHE A 565 -19.06 11.11 -12.29
CA PHE A 565 -19.87 9.99 -11.77
C PHE A 565 -21.33 10.09 -12.24
N SER A 566 -21.90 11.30 -12.25
CA SER A 566 -23.25 11.62 -12.82
C SER A 566 -23.42 11.04 -14.24
N LEU A 567 -22.42 11.22 -15.10
CA LEU A 567 -22.50 11.06 -16.58
C LEU A 567 -21.74 9.83 -17.09
N ARG A 568 -21.45 8.84 -16.26
CA ARG A 568 -20.75 7.60 -16.72
C ARG A 568 -21.66 6.77 -17.65
N HIS A 569 -22.97 6.99 -17.61
CA HIS A 569 -24.00 6.43 -18.52
C HIS A 569 -24.64 7.58 -19.30
N SER A 570 -24.01 7.99 -20.41
CA SER A 570 -24.37 9.24 -21.15
C SER A 570 -24.83 8.96 -22.58
N LYS A 571 -23.98 8.32 -23.39
CA LYS A 571 -24.16 8.08 -24.85
C LYS A 571 -24.11 9.38 -25.69
N GLU A 572 -23.93 10.58 -25.09
CA GLU A 572 -23.89 11.88 -25.81
C GLU A 572 -22.45 12.15 -26.27
N GLU A 573 -22.31 12.99 -27.30
CA GLU A 573 -21.01 13.27 -27.95
C GLU A 573 -20.28 14.29 -27.06
N ARG A 574 -19.22 13.83 -26.39
CA ARG A 574 -18.27 14.68 -25.60
C ARG A 574 -17.49 15.57 -26.57
N GLU A 575 -17.22 16.81 -26.18
CA GLU A 575 -16.24 17.74 -26.84
C GLU A 575 -14.97 17.78 -25.97
N ASP A 576 -13.81 17.36 -26.49
CA ASP A 576 -12.59 17.18 -25.66
C ASP A 576 -11.96 18.54 -25.34
N LEU A 577 -11.73 18.84 -24.06
CA LEU A 577 -10.94 20.00 -23.56
C LEU A 577 -9.50 19.93 -24.04
N LEU A 644 -17.13 0.35 -26.58
CA LEU A 644 -16.22 -0.12 -25.47
C LEU A 644 -16.30 0.79 -24.23
N GLU A 645 -16.58 2.08 -24.36
CA GLU A 645 -16.89 2.96 -23.20
C GLU A 645 -18.28 2.49 -22.71
N ASP A 646 -18.36 1.25 -22.22
CA ASP A 646 -19.59 0.44 -22.12
C ASP A 646 -19.49 -0.37 -20.84
N ILE A 647 -20.10 0.11 -19.77
CA ILE A 647 -19.94 -0.45 -18.40
C ILE A 647 -21.28 -0.97 -17.92
N SER A 648 -22.01 -1.69 -18.76
CA SER A 648 -23.28 -2.32 -18.31
C SER A 648 -22.94 -3.64 -17.58
N GLU A 649 -23.90 -4.45 -17.19
CA GLU A 649 -23.48 -5.72 -16.52
C GLU A 649 -24.55 -6.79 -16.67
N ASP A 650 -24.15 -8.06 -16.81
CA ASP A 650 -25.14 -9.18 -16.87
C ASP A 650 -25.97 -9.02 -15.60
N PRO A 651 -27.21 -8.55 -15.72
CA PRO A 651 -27.85 -8.24 -14.43
C PRO A 651 -27.70 -9.33 -13.35
N SER A 652 -27.57 -10.63 -13.70
CA SER A 652 -27.43 -11.75 -12.72
C SER A 652 -26.09 -11.68 -12.00
N TRP A 653 -25.01 -11.49 -12.75
CA TRP A 653 -23.62 -11.39 -12.21
C TRP A 653 -23.42 -10.08 -11.43
N ALA A 654 -24.10 -9.00 -11.79
CA ALA A 654 -24.18 -7.77 -10.98
C ALA A 654 -24.65 -8.14 -9.58
N ARG A 655 -25.76 -8.88 -9.49
CA ARG A 655 -26.36 -9.26 -8.19
C ARG A 655 -25.31 -10.04 -7.38
N VAL A 656 -24.57 -10.96 -7.99
CA VAL A 656 -23.50 -11.79 -7.34
C VAL A 656 -22.43 -10.88 -6.70
N VAL A 657 -21.76 -10.04 -7.48
CA VAL A 657 -20.65 -9.17 -6.96
C VAL A 657 -21.18 -8.15 -5.95
N ASN A 658 -22.43 -7.67 -6.11
CA ASN A 658 -23.02 -6.71 -5.15
C ASN A 658 -23.25 -7.40 -3.80
N LEU A 659 -23.67 -8.65 -3.81
CA LEU A 659 -23.93 -9.37 -2.54
C LEU A 659 -22.60 -9.65 -1.85
N ASN A 660 -21.59 -10.08 -2.60
CA ASN A 660 -20.29 -10.42 -2.01
C ASN A 660 -19.57 -9.17 -1.47
N ALA A 661 -19.79 -7.97 -2.02
CA ALA A 661 -19.31 -6.69 -1.45
C ALA A 661 -19.86 -6.48 -0.03
N LEU A 662 -21.15 -6.71 0.16
CA LEU A 662 -21.85 -6.43 1.45
C LEU A 662 -21.47 -7.51 2.45
N LEU A 663 -21.37 -8.76 2.01
CA LEU A 663 -20.94 -9.86 2.92
C LEU A 663 -19.47 -9.66 3.33
N MET A 664 -18.60 -9.25 2.40
CA MET A 664 -17.15 -8.98 2.65
C MET A 664 -17.05 -7.78 3.61
N MET A 665 -17.92 -6.76 3.50
CA MET A 665 -17.92 -5.67 4.51
C MET A 665 -18.44 -6.18 5.85
N ALA A 666 -19.41 -7.09 5.89
CA ALA A 666 -19.93 -7.60 7.19
C ALA A 666 -18.78 -8.30 7.94
N VAL A 667 -17.95 -9.06 7.22
CA VAL A 667 -16.83 -9.85 7.78
C VAL A 667 -15.78 -8.88 8.30
N ALA A 668 -15.41 -7.88 7.50
CA ALA A 668 -14.60 -6.69 7.89
C ALA A 668 -15.10 -6.12 9.23
N VAL A 669 -16.35 -5.74 9.25
CA VAL A 669 -16.96 -4.97 10.37
C VAL A 669 -16.96 -5.81 11.64
N PHE A 670 -17.27 -7.09 11.50
CA PHE A 670 -17.22 -8.05 12.61
C PHE A 670 -15.82 -8.04 13.22
N LEU A 671 -14.81 -8.17 12.37
CA LEU A 671 -13.41 -8.29 12.83
C LEU A 671 -12.94 -6.97 13.43
N TRP A 672 -13.35 -5.81 12.89
CA TRP A 672 -13.01 -4.51 13.55
C TRP A 672 -13.63 -4.47 14.95
N GLY A 673 -14.84 -4.98 15.13
CA GLY A 673 -15.51 -5.11 16.43
C GLY A 673 -14.77 -6.04 17.37
N PHE A 674 -14.45 -7.23 16.90
CA PHE A 674 -13.73 -8.28 17.68
C PHE A 674 -12.45 -7.74 18.35
N TYR A 675 -11.59 -7.06 17.58
CA TYR A 675 -10.29 -6.54 18.04
C TYR A 675 -10.33 -5.03 18.40
N ALA A 676 -11.51 -4.40 18.45
CA ALA A 676 -11.65 -3.02 18.96
C ALA A 676 -11.41 -3.00 20.46
N GLN B 28 -16.90 -8.54 26.25
CA GLN B 28 -16.81 -9.82 25.45
C GLN B 28 -16.46 -9.43 24.00
N PRO B 29 -15.43 -10.01 23.33
CA PRO B 29 -15.20 -9.72 21.90
C PRO B 29 -16.31 -10.04 20.89
N TRP B 30 -17.04 -11.13 21.13
CA TRP B 30 -18.06 -11.66 20.19
C TRP B 30 -19.22 -10.68 20.14
N MET B 31 -19.63 -10.11 21.29
CA MET B 31 -20.71 -9.09 21.34
C MET B 31 -20.24 -7.85 20.57
N GLN B 32 -18.97 -7.47 20.68
CA GLN B 32 -18.44 -6.28 19.96
C GLN B 32 -18.55 -6.50 18.44
N GLY B 33 -18.15 -7.69 17.99
CA GLY B 33 -18.37 -8.19 16.62
C GLY B 33 -19.81 -8.04 16.16
N LEU B 34 -20.76 -8.62 16.90
CA LEU B 34 -22.22 -8.66 16.54
C LEU B 34 -22.81 -7.24 16.55
N ILE B 35 -22.49 -6.44 17.57
CA ILE B 35 -22.89 -5.01 17.67
C ILE B 35 -22.35 -4.24 16.45
N ALA B 36 -21.10 -4.47 16.06
CA ALA B 36 -20.45 -3.77 14.92
C ALA B 36 -21.23 -4.07 13.63
N VAL B 37 -21.48 -5.36 13.39
CA VAL B 37 -22.25 -5.87 12.21
C VAL B 37 -23.64 -5.23 12.20
N ALA B 38 -24.33 -5.27 13.34
CA ALA B 38 -25.71 -4.75 13.51
C ALA B 38 -25.77 -3.28 13.03
N VAL B 39 -24.86 -2.46 13.56
CA VAL B 39 -24.76 -1.01 13.26
C VAL B 39 -24.47 -0.80 11.77
N PHE B 40 -23.61 -1.63 11.19
CA PHE B 40 -23.24 -1.60 9.74
C PHE B 40 -24.46 -1.89 8.85
N LEU B 41 -25.22 -2.93 9.20
CA LEU B 41 -26.45 -3.31 8.47
C LEU B 41 -27.53 -2.23 8.60
N VAL B 42 -27.62 -1.52 9.73
CA VAL B 42 -28.51 -0.32 9.89
C VAL B 42 -28.09 0.75 8.87
N LEU B 43 -26.80 1.10 8.81
CA LEU B 43 -26.30 2.17 7.90
C LEU B 43 -26.49 1.80 6.41
N VAL B 44 -26.30 0.55 6.01
CA VAL B 44 -26.49 0.12 4.58
C VAL B 44 -27.99 0.09 4.26
N ALA B 45 -28.86 -0.33 5.20
CA ALA B 45 -30.34 -0.27 5.06
C ALA B 45 -30.78 1.20 4.87
N ILE B 46 -30.18 2.14 5.62
CA ILE B 46 -30.40 3.61 5.46
C ILE B 46 -29.95 4.06 4.06
N ALA B 47 -28.81 3.58 3.55
CA ALA B 47 -28.24 3.97 2.23
C ALA B 47 -29.20 3.55 1.10
N PHE B 48 -29.74 2.34 1.15
CA PHE B 48 -30.81 1.94 0.20
C PHE B 48 -31.98 2.91 0.45
N ALA B 49 -32.54 2.97 1.65
CA ALA B 49 -33.72 3.84 1.93
C ALA B 49 -33.53 5.22 1.25
N VAL B 50 -32.41 5.90 1.51
CA VAL B 50 -32.24 7.32 1.08
C VAL B 50 -32.21 7.39 -0.46
N ASN B 51 -31.44 6.54 -1.16
CA ASN B 51 -31.31 6.61 -2.65
C ASN B 51 -32.64 6.16 -3.30
N HIS B 52 -33.37 5.21 -2.70
CA HIS B 52 -34.69 4.70 -3.20
C HIS B 52 -35.75 5.83 -3.19
N PHE B 53 -35.80 6.66 -2.14
CA PHE B 53 -36.79 7.75 -1.97
C PHE B 53 -36.28 9.09 -2.53
N TRP B 54 -34.96 9.36 -2.62
CA TRP B 54 -34.38 10.71 -2.94
C TRP B 54 -33.58 10.76 -4.25
N CYS B 55 -33.38 9.67 -5.01
CA CYS B 55 -32.79 9.68 -6.38
C CYS B 55 -33.89 9.45 -7.45
N GLN B 56 -34.82 8.51 -7.21
CA GLN B 56 -36.04 8.30 -8.02
C GLN B 56 -37.14 9.23 -7.49
C1 NAG C . 18.28 2.18 39.60
C2 NAG C . 19.36 3.07 40.22
C3 NAG C . 20.17 2.30 41.25
C4 NAG C . 19.25 1.58 42.24
C5 NAG C . 18.17 0.79 41.50
C6 NAG C . 17.21 0.15 42.50
C7 NAG C . 19.84 4.54 38.36
C8 NAG C . 20.66 4.71 37.11
N2 NAG C . 20.23 3.58 39.18
O3 NAG C . 21.02 3.21 41.97
O4 NAG C . 20.03 0.70 43.06
O5 NAG C . 17.45 1.66 40.64
O6 NAG C . 16.19 -0.55 41.77
O7 NAG C . 18.87 5.24 38.60
C7 L3R D . 2.57 -1.16 5.01
C8 L3R D . 3.78 -0.80 4.35
C9 L3R D . -0.04 0.46 2.73
O1 L3R D . -0.16 1.81 3.23
C1 L3R D . 3.26 -1.29 7.39
O5 L3R D . -0.37 4.80 2.60
C5 L3R D . 1.29 0.00 3.31
C6 L3R D . 1.36 -0.74 4.48
C4 L3R D . 2.46 0.35 2.66
O4 L3R D . -1.25 -1.77 2.58
C3 L3R D . 3.69 -0.04 3.18
O3 L3R D . -3.61 -0.39 2.76
C2 L3R D . 4.34 -1.67 8.10
S1 L3R D . 2.64 0.23 7.86
C10 L3R D . 2.56 -1.98 6.29
C11 L3R D . 5.13 -1.21 4.85
C12 L3R D . -2.44 0.34 2.43
C13 L3R D . -1.28 -0.40 3.05
C14 L3R D . -2.53 1.74 3.04
C15 L3R D . -1.30 2.52 2.72
C16 L3R D . -1.31 3.91 3.33
O2 L3R D . -3.62 2.43 2.54
C17 L3R D . 3.67 0.26 9.22
C18 L3R D . 4.48 -0.86 9.25
C19 L3R D . 3.57 1.36 10.18
C20 L3R D . 2.43 2.17 10.23
C21 L3R D . 2.31 3.20 11.16
C22 L3R D . 3.35 3.41 12.03
C23 L3R D . 4.47 2.64 12.03
C24 L3R D . 4.58 1.61 11.10
F1 L3R D . 3.20 4.43 12.92
NA NA E . 4.23 -7.68 -3.60
#